data_4JRP
#
_entry.id   4JRP
#
_cell.length_a   91.300
_cell.length_b   91.300
_cell.length_c   159.700
_cell.angle_alpha   90.00
_cell.angle_beta   90.00
_cell.angle_gamma   90.00
#
_symmetry.space_group_name_H-M   'P 43'
#
loop_
_entity.id
_entity.type
_entity.pdbx_description
1 polymer 5cy-dT13
2 polymer 'Exodeoxyribonuclease I'
3 non-polymer 'MAGNESIUM ION'
4 non-polymer 'SULFATE ION'
5 non-polymer GLYCEROL
6 non-polymer 'ISOPROPYL ALCOHOL'
7 water water
#
loop_
_entity_poly.entity_id
_entity_poly.type
_entity_poly.pdbx_seq_one_letter_code
_entity_poly.pdbx_strand_id
1 'polydeoxyribonucleotide' (5CY)(DT)(DT)(DT)(DT)(DT)(DT)(DT)(DT)(DT)(DT)(DT)(DT)(DT) C,D
2 'polypeptide(L)'
;GSHMMNDGKQQSTFLFHDYETFGTHPALDRPAQFAAIRTDSEFNVIGEPEVFYCKPADDYLPQPGAVLITGITPQEARAK
GENEAAFAARIHSLFTVPKTCILGYNNVRFDDEVTRNIFYRNFYDPYAWSWQHDNSRWDLLDVMRACYALRPEGINWPEN
DDGLPSFRLEHLTKANGIEHSNAHDAMADVYATIAMAKLVKTRQPRLFDYLFTHRNKHKLMALIDVPQMKPLVHVSGMFG
AWRGNTSWVAPLAWHPENRNAVIMVDLAGDISPLLELDSDTLRERLYTAKTDLGDNAAVPVKLVHINKCPVLAQANTLRP
EDADRLGINRQHCLDNLKILRENPQVREKVVAIFAEAEPFTPSDNVDAQLYNGFFSDADRAAMKIVLETEPRNLPALDIT
FVDKRIEKLLFNYRARNFPGTLDYAEQQRWLEHRRQVFTPEFLQGYADELQMLVQQYADDKEKVALLKALWQYAEEIV
;
A,B
#
loop_
_chem_comp.id
_chem_comp.type
_chem_comp.name
_chem_comp.formula
5CY non-polymer '1-(3-hydroxypropyl)-2-{(1E,3E,5E)-5-[1-(3-hydroxypropyl)-3,3-dimethyl-1,3-dihydro-2H-indol-2-ylidene]penta-1,3-dien-1-y l}-3,3-dimethyl-3H-indolium' 'C31 H39 N2 O2 1'
DT DNA linking THYMIDINE-5'-MONOPHOSPHATE 'C10 H15 N2 O8 P'
GOL non-polymer GLYCEROL 'C3 H8 O3'
IPA non-polymer 'ISOPROPYL ALCOHOL' 'C3 H8 O'
MG non-polymer 'MAGNESIUM ION' 'Mg 2'
SO4 non-polymer 'SULFATE ION' 'O4 S -2'
#
# COMPACT_ATOMS: atom_id res chain seq x y z
N1 5CY A 1 -1.29 -5.35 10.18
C1 5CY A 1 -0.41 -10.72 2.91
O1 5CY A 1 -0.32 -2.08 8.30
C10 5CY A 1 -1.59 -6.00 9.04
C11 5CY A 1 0.04 -4.88 10.60
C12 5CY A 1 0.16 -3.38 10.34
C13 5CY A 1 0.54 -3.07 8.90
C14 5CY A 1 -2.43 -5.22 10.93
C15 5CY A 1 -2.71 -4.66 12.16
C16 5CY A 1 -4.01 -4.67 12.64
C17 5CY A 1 -5.06 -5.24 11.91
C18 5CY A 1 -4.84 -5.81 10.66
C19 5CY A 1 -3.54 -5.83 10.15
O2 5CY A 1 3.81 -6.20 2.41
C2 5CY A 1 0.31 -9.62 2.14
N2 5CY A 1 2.79 -9.60 2.34
C20 5CY A 1 -3.05 -6.36 8.83
C21 5CY A 1 -3.36 -7.84 8.67
C22 5CY A 1 -3.68 -5.49 7.74
C23 5CY A 1 4.03 -8.80 2.53
C24 5CY A 1 4.60 -8.14 1.27
C25 5CY A 1 3.91 -6.80 1.12
C26 5CY A 1 2.44 -10.18 1.09
C27 5CY A 1 3.24 -10.72 0.08
C28 5CY A 1 2.60 -11.28 -1.05
C29 5CY A 1 1.20 -11.31 -1.18
C3 5CY A 1 -0.66 -8.51 1.70
C30 5CY A 1 0.37 -10.79 -0.18
C31 5CY A 1 0.98 -10.24 0.95
C4 5CY A 1 1.55 -9.11 2.88
C5 5CY A 1 1.52 -8.29 4.12
C6 5CY A 1 0.41 -7.94 4.78
C7 5CY A 1 0.47 -7.18 6.03
C8 5CY A 1 -0.62 -6.95 6.77
C9 5CY A 1 -0.49 -6.24 8.05
N1 5CY B 1 -16.67 -9.60 -0.46
C1 5CY B 1 -14.70 -7.63 8.42
O1 5CY B 1 -19.96 -9.62 -1.74
C10 5CY B 1 -16.28 -9.04 0.70
C11 5CY B 1 -17.25 -10.94 -0.67
C12 5CY B 1 -18.71 -11.07 -0.25
C13 5CY B 1 -19.52 -9.78 -0.39
C14 5CY B 1 -16.47 -8.71 -1.48
C15 5CY B 1 -16.69 -8.76 -2.86
C16 5CY B 1 -16.35 -7.65 -3.64
C17 5CY B 1 -15.81 -6.50 -3.07
C18 5CY B 1 -15.56 -6.41 -1.69
C19 5CY B 1 -15.88 -7.49 -0.88
O2 5CY B 1 -13.86 -13.34 10.05
C2 5CY B 1 -16.15 -8.09 8.49
N2 5CY B 1 -16.33 -10.43 9.21
C20 5CY B 1 -15.73 -7.64 0.60
C21 5CY B 1 -14.28 -7.55 1.03
C22 5CY B 1 -16.59 -6.60 1.32
C23 5CY B 1 -17.04 -11.69 9.06
C24 5CY B 1 -15.97 -12.79 9.07
C25 5CY B 1 -15.13 -12.73 10.33
C26 5CY B 1 -16.69 -9.60 10.30
C27 5CY B 1 -17.03 -9.95 11.61
C28 5CY B 1 -17.28 -8.91 12.49
C29 5CY B 1 -17.18 -7.57 12.13
C3 5CY B 1 -17.15 -7.19 7.77
C30 5CY B 1 -16.80 -7.18 10.85
C31 5CY B 1 -16.55 -8.19 9.94
C4 5CY B 1 -16.26 -9.55 8.08
C5 5CY B 1 -16.33 -10.00 6.68
C6 5CY B 1 -15.61 -9.54 5.66
C7 5CY B 1 -15.92 -10.13 4.36
C8 5CY B 1 -16.03 -9.32 3.31
C9 5CY B 1 -16.40 -9.81 1.99
N GLN C 10 -9.48 -23.50 14.19
CA GLN C 10 -8.45 -22.49 14.56
C GLN C 10 -9.12 -21.19 15.04
N GLN C 11 -8.96 -20.92 16.33
CA GLN C 11 -9.69 -19.86 17.00
C GLN C 11 -8.87 -18.56 17.06
N SER C 12 -9.52 -17.45 16.71
CA SER C 12 -8.96 -16.13 16.95
C SER C 12 -8.71 -15.92 18.43
N THR C 13 -7.48 -15.57 18.79
CA THR C 13 -7.17 -15.17 20.15
C THR C 13 -6.56 -13.76 20.24
N PHE C 14 -6.60 -13.20 21.45
CA PHE C 14 -5.83 -12.03 21.81
C PHE C 14 -4.74 -12.43 22.76
N LEU C 15 -3.51 -12.00 22.48
CA LEU C 15 -2.44 -12.16 23.44
C LEU C 15 -2.14 -10.80 24.09
N PHE C 16 -2.56 -10.66 25.34
CA PHE C 16 -2.27 -9.42 26.07
C PHE C 16 -0.87 -9.58 26.66
N HIS C 17 -0.06 -8.53 26.58
CA HIS C 17 1.32 -8.69 27.03
C HIS C 17 1.90 -7.37 27.50
N ASP C 18 2.91 -7.48 28.37
CA ASP C 18 3.61 -6.34 28.92
C ASP C 18 5.07 -6.72 29.19
N TYR C 19 5.98 -5.82 28.83
CA TYR C 19 7.39 -5.96 29.19
C TYR C 19 7.76 -5.06 30.38
N GLU C 20 8.59 -5.56 31.28
CA GLU C 20 9.39 -4.67 32.11
C GLU C 20 10.77 -4.56 31.49
N THR C 21 11.37 -3.37 31.51
CA THR C 21 12.68 -3.21 30.87
C THR C 21 13.73 -2.54 31.78
N PHE C 22 14.95 -2.44 31.27
CA PHE C 22 15.99 -1.76 32.01
C PHE C 22 16.27 -0.36 31.48
N GLY C 23 15.26 0.23 30.83
CA GLY C 23 15.34 1.57 30.22
C GLY C 23 14.31 1.78 29.13
N THR C 24 14.18 3.04 28.68
CA THR C 24 13.08 3.41 27.80
C THR C 24 13.30 3.13 26.33
N HIS C 25 14.54 2.83 25.97
CA HIS C 25 14.94 2.74 24.58
C HIS C 25 14.90 1.32 24.07
N PRO C 26 14.04 1.04 23.07
CA PRO C 26 13.68 -0.34 22.67
C PRO C 26 14.85 -1.07 21.97
N ALA C 27 15.74 -0.29 21.37
CA ALA C 27 16.95 -0.81 20.72
C ALA C 27 18.17 -0.81 21.65
N LEU C 28 18.46 0.32 22.30
CA LEU C 28 19.66 0.47 23.14
C LEU C 28 19.54 -0.15 24.55
N ASP C 29 18.35 -0.15 25.14
CA ASP C 29 18.19 -0.75 26.46
C ASP C 29 17.76 -2.20 26.36
N ARG C 30 17.66 -2.90 27.49
CA ARG C 30 17.43 -4.34 27.46
C ARG C 30 16.19 -4.74 28.22
N PRO C 31 15.49 -5.79 27.75
CA PRO C 31 14.30 -6.27 28.45
C PRO C 31 14.70 -6.93 29.79
N ALA C 32 13.78 -6.92 30.74
CA ALA C 32 14.05 -7.55 32.03
C ALA C 32 13.06 -8.68 32.18
N GLN C 33 11.80 -8.38 31.91
CA GLN C 33 10.70 -9.30 32.14
C GLN C 33 9.62 -9.22 31.06
N PHE C 34 9.06 -10.37 30.71
CA PHE C 34 7.91 -10.47 29.79
C PHE C 34 6.75 -11.13 30.51
N ALA C 35 5.55 -10.57 30.31
CA ALA C 35 4.31 -11.12 30.87
C ALA C 35 3.19 -11.11 29.84
N ALA C 36 2.53 -12.26 29.67
CA ALA C 36 1.44 -12.38 28.70
C ALA C 36 0.38 -13.37 29.11
N ILE C 37 -0.85 -13.14 28.63
CA ILE C 37 -1.91 -14.14 28.73
C ILE C 37 -2.83 -14.12 27.50
N ARG C 38 -3.22 -15.32 27.07
CA ARG C 38 -4.07 -15.51 25.90
C ARG C 38 -5.54 -15.45 26.35
N THR C 39 -6.35 -14.73 25.57
CA THR C 39 -7.80 -14.71 25.78
C THR C 39 -8.55 -15.07 24.52
N ASP C 40 -9.84 -15.38 24.64
CA ASP C 40 -10.71 -15.50 23.48
C ASP C 40 -11.18 -14.09 23.07
N SER C 41 -11.81 -14.00 21.90
CA SER C 41 -12.30 -12.74 21.32
C SER C 41 -13.06 -11.84 22.29
N GLU C 42 -13.65 -12.45 23.31
CA GLU C 42 -14.46 -11.75 24.28
C GLU C 42 -13.70 -11.40 25.54
N PHE C 43 -12.42 -11.76 25.54
CA PHE C 43 -11.46 -11.41 26.60
C PHE C 43 -11.55 -12.25 27.87
N ASN C 44 -12.21 -13.40 27.78
CA ASN C 44 -12.07 -14.47 28.78
C ASN C 44 -10.72 -15.16 28.62
N VAL C 45 -9.99 -15.27 29.73
CA VAL C 45 -8.72 -15.98 29.80
C VAL C 45 -8.90 -17.44 29.38
N ILE C 46 -7.98 -17.95 28.56
CA ILE C 46 -8.09 -19.32 28.04
C ILE C 46 -6.77 -20.08 28.11
N GLY C 47 -5.80 -19.54 28.85
CA GLY C 47 -4.50 -20.16 29.01
C GLY C 47 -3.85 -19.76 30.33
N GLU C 48 -2.72 -20.39 30.65
CA GLU C 48 -1.95 -20.07 31.85
C GLU C 48 -1.27 -18.71 31.71
N PRO C 49 -1.00 -18.04 32.84
CA PRO C 49 -0.21 -16.81 32.73
C PRO C 49 1.19 -17.14 32.23
N GLU C 50 1.78 -16.23 31.47
CA GLU C 50 3.10 -16.46 30.93
C GLU C 50 4.02 -15.36 31.41
N VAL C 51 4.85 -15.68 32.40
CA VAL C 51 5.77 -14.70 32.99
C VAL C 51 7.15 -15.33 33.04
N PHE C 52 8.15 -14.57 32.62
CA PHE C 52 9.52 -15.02 32.62
C PHE C 52 10.49 -13.88 32.39
N TYR C 53 11.74 -14.10 32.79
CA TYR C 53 12.78 -13.06 32.86
C TYR C 53 13.86 -13.20 31.81
N CYS C 54 14.60 -12.11 31.58
CA CYS C 54 15.65 -12.08 30.61
C CYS C 54 17.00 -11.72 31.27
N LYS C 55 17.97 -12.63 31.17
CA LYS C 55 19.34 -12.36 31.64
C LYS C 55 19.97 -11.26 30.79
N PRO C 56 20.51 -10.21 31.42
CA PRO C 56 21.19 -9.24 30.59
C PRO C 56 22.63 -9.66 30.26
N ALA C 57 23.03 -9.52 29.00
CA ALA C 57 24.41 -9.78 28.59
C ALA C 57 25.39 -8.88 29.36
N ASP C 58 26.68 -9.21 29.35
CA ASP C 58 27.63 -8.50 30.21
C ASP C 58 28.27 -7.28 29.50
N ASP C 59 27.63 -6.81 28.43
CA ASP C 59 28.05 -5.55 27.82
C ASP C 59 27.09 -4.42 28.14
N TYR C 60 26.33 -4.57 29.22
CA TYR C 60 25.24 -3.64 29.48
C TYR C 60 25.01 -3.41 30.95
N LEU C 61 24.67 -2.15 31.26
CA LEU C 61 24.21 -1.73 32.57
C LEU C 61 22.84 -1.04 32.46
N PRO C 62 21.88 -1.46 33.30
CA PRO C 62 20.52 -0.92 33.28
C PRO C 62 20.52 0.54 33.70
N GLN C 63 19.60 1.33 33.16
CA GLN C 63 19.44 2.70 33.63
C GLN C 63 18.88 2.66 35.05
N PRO C 64 19.47 3.45 35.97
CA PRO C 64 19.01 3.57 37.36
C PRO C 64 17.51 3.93 37.51
N GLY C 65 17.03 4.87 36.70
CA GLY C 65 15.63 5.31 36.77
C GLY C 65 14.65 4.16 36.58
N ALA C 66 14.85 3.40 35.49
CA ALA C 66 14.08 2.20 35.22
C ALA C 66 13.97 1.27 36.42
N VAL C 67 15.13 0.84 36.93
CA VAL C 67 15.21 -0.13 38.01
C VAL C 67 14.51 0.34 39.30
N LEU C 68 14.52 1.65 39.53
CA LEU C 68 13.80 2.22 40.68
C LEU C 68 12.28 2.07 40.56
N ILE C 69 11.76 2.21 39.34
CA ILE C 69 10.34 2.00 39.03
C ILE C 69 9.93 0.53 39.04
N THR C 70 10.76 -0.35 38.45
CA THR C 70 10.42 -1.77 38.36
C THR C 70 10.64 -2.51 39.65
N GLY C 71 11.74 -2.17 40.31
CA GLY C 71 12.25 -2.92 41.44
C GLY C 71 12.99 -4.15 40.99
N ILE C 72 13.22 -4.30 39.69
CA ILE C 72 13.92 -5.48 39.16
C ILE C 72 15.39 -5.17 38.90
N THR C 73 16.25 -5.88 39.61
CA THR C 73 17.68 -5.65 39.54
C THR C 73 18.24 -6.61 38.51
N PRO C 74 19.40 -6.26 37.91
CA PRO C 74 19.97 -7.17 36.93
C PRO C 74 20.33 -8.50 37.58
N GLN C 75 20.71 -8.46 38.86
CA GLN C 75 20.97 -9.67 39.63
C GLN C 75 19.73 -10.54 39.66
N GLU C 76 18.58 -9.94 40.00
CA GLU C 76 17.29 -10.65 39.98
C GLU C 76 17.01 -11.28 38.63
N ALA C 77 17.21 -10.49 37.57
CA ALA C 77 17.00 -10.94 36.20
C ALA C 77 17.98 -12.05 35.80
N ARG C 78 19.21 -11.94 36.27
CA ARG C 78 20.23 -12.92 35.98
C ARG C 78 19.86 -14.26 36.62
N ALA C 79 19.52 -14.20 37.91
CA ALA C 79 19.08 -15.35 38.68
C ALA C 79 17.86 -16.01 38.07
N LYS C 80 16.85 -15.20 37.76
CA LYS C 80 15.57 -15.72 37.36
C LYS C 80 15.41 -16.02 35.87
N GLY C 81 16.25 -15.45 35.01
CA GLY C 81 15.94 -15.46 33.59
C GLY C 81 16.73 -16.41 32.71
N GLU C 82 16.43 -16.39 31.41
CA GLU C 82 17.28 -17.04 30.43
C GLU C 82 18.00 -16.01 29.58
N ASN C 83 18.93 -16.48 28.75
CA ASN C 83 19.64 -15.60 27.85
C ASN C 83 18.65 -15.02 26.84
N GLU C 84 19.04 -13.97 26.14
CA GLU C 84 18.11 -13.30 25.25
C GLU C 84 17.59 -14.19 24.13
N ALA C 85 18.47 -15.01 23.53
CA ALA C 85 18.06 -15.94 22.49
C ALA C 85 16.86 -16.79 22.90
N ALA C 86 16.91 -17.36 24.10
CA ALA C 86 15.83 -18.22 24.64
C ALA C 86 14.60 -17.43 25.01
N PHE C 87 14.80 -16.27 25.61
CA PHE C 87 13.74 -15.28 25.87
C PHE C 87 13.00 -14.87 24.58
N ALA C 88 13.76 -14.60 23.51
CA ALA C 88 13.22 -14.25 22.21
C ALA C 88 12.40 -15.39 21.62
N ALA C 89 12.84 -16.61 21.88
CA ALA C 89 12.24 -17.84 21.35
C ALA C 89 10.92 -18.22 22.03
N ARG C 90 10.84 -17.99 23.34
CA ARG C 90 9.58 -18.14 24.06
C ARG C 90 8.59 -17.08 23.58
N ILE C 91 9.04 -15.83 23.47
CA ILE C 91 8.13 -14.75 23.07
C ILE C 91 7.61 -15.00 21.67
N HIS C 92 8.49 -15.52 20.81
CA HIS C 92 8.13 -15.75 19.44
C HIS C 92 7.16 -16.90 19.22
N SER C 93 7.26 -18.00 19.99
CA SER C 93 6.37 -19.15 19.79
C SER C 93 4.96 -18.68 20.08
N LEU C 94 4.79 -18.04 21.24
CA LEU C 94 3.52 -17.43 21.63
C LEU C 94 2.98 -16.53 20.55
N PHE C 95 3.78 -15.54 20.14
CA PHE C 95 3.37 -14.50 19.20
C PHE C 95 2.93 -15.03 17.84
N THR C 96 3.49 -16.16 17.41
CA THR C 96 3.24 -16.69 16.08
C THR C 96 2.24 -17.85 16.11
N VAL C 97 1.63 -18.10 17.26
CA VAL C 97 0.40 -18.89 17.29
C VAL C 97 -0.57 -18.20 16.32
N PRO C 98 -1.10 -18.94 15.32
CA PRO C 98 -1.93 -18.32 14.29
C PRO C 98 -3.24 -17.71 14.80
N LYS C 99 -3.74 -16.75 14.04
CA LYS C 99 -4.95 -15.99 14.36
C LYS C 99 -4.88 -15.30 15.72
N THR C 100 -3.67 -14.86 16.09
CA THR C 100 -3.44 -14.16 17.34
C THR C 100 -3.36 -12.67 17.11
N CYS C 101 -4.16 -11.92 17.86
CA CYS C 101 -4.02 -10.46 17.91
C CYS C 101 -3.19 -10.10 19.15
N ILE C 102 -2.00 -9.52 18.93
CA ILE C 102 -1.10 -9.15 20.02
C ILE C 102 -1.37 -7.70 20.43
N LEU C 103 -1.62 -7.48 21.71
CA LEU C 103 -1.89 -6.15 22.22
C LEU C 103 -1.46 -5.92 23.68
N GLY C 104 -1.46 -4.65 24.06
CA GLY C 104 -1.03 -4.23 25.37
C GLY C 104 -1.50 -2.80 25.50
N TYR C 105 -0.72 -1.99 26.21
CA TYR C 105 -1.11 -0.62 26.56
C TYR C 105 0.08 0.33 26.32
N ASN C 106 0.06 0.97 25.16
CA ASN C 106 1.19 1.77 24.61
C ASN C 106 2.20 0.90 23.86
N ASN C 107 1.82 -0.35 23.59
CA ASN C 107 2.67 -1.29 22.86
C ASN C 107 3.08 -0.83 21.47
N VAL C 108 2.17 -0.25 20.71
CA VAL C 108 2.54 0.23 19.37
C VAL C 108 3.75 1.17 19.43
N ARG C 109 3.77 2.06 20.41
CA ARG C 109 4.88 3.00 20.55
C ARG C 109 5.98 2.59 21.54
N PHE C 110 5.80 1.48 22.27
CA PHE C 110 6.83 0.98 23.18
C PHE C 110 7.14 -0.51 23.06
N ASP C 111 6.26 -1.37 23.60
CA ASP C 111 6.52 -2.83 23.62
C ASP C 111 6.81 -3.45 22.26
N ASP C 112 6.10 -3.00 21.22
CA ASP C 112 6.21 -3.55 19.88
C ASP C 112 7.59 -3.24 19.31
N GLU C 113 8.07 -2.04 19.63
CA GLU C 113 9.49 -1.67 19.45
C GLU C 113 10.45 -2.63 20.16
N VAL C 114 10.14 -2.98 21.41
CA VAL C 114 11.02 -3.90 22.12
C VAL C 114 11.01 -5.22 21.36
N THR C 115 9.82 -5.67 20.98
CA THR C 115 9.68 -6.95 20.26
C THR C 115 10.43 -6.96 18.93
N ARG C 116 10.26 -5.89 18.16
CA ARG C 116 10.93 -5.84 16.85
C ARG C 116 12.44 -6.06 17.01
N ASN C 117 13.03 -5.37 17.97
CA ASN C 117 14.47 -5.41 18.25
C ASN C 117 14.94 -6.72 18.86
N ILE C 118 14.11 -7.26 19.74
CA ILE C 118 14.38 -8.59 20.26
C ILE C 118 14.50 -9.60 19.11
N PHE C 119 13.53 -9.61 18.20
CA PHE C 119 13.60 -10.61 17.12
C PHE C 119 14.77 -10.29 16.18
N TYR C 120 14.94 -8.98 15.89
CA TYR C 120 16.08 -8.50 15.08
C TYR C 120 17.43 -8.98 15.61
N ARG C 121 17.66 -8.80 16.92
CA ARG C 121 18.93 -9.22 17.55
C ARG C 121 19.13 -10.75 17.54
N ASN C 122 18.05 -11.52 17.63
CA ASN C 122 18.16 -12.97 17.80
C ASN C 122 17.66 -13.79 16.61
N PHE C 123 17.65 -13.15 15.45
CA PHE C 123 17.47 -13.77 14.14
C PHE C 123 16.05 -14.27 13.78
N TYR C 124 15.03 -13.73 14.42
CA TYR C 124 13.65 -13.97 14.00
C TYR C 124 13.20 -12.79 13.13
N ASP C 125 12.19 -13.00 12.26
CA ASP C 125 11.68 -11.90 11.47
C ASP C 125 11.15 -10.80 12.39
N PRO C 126 11.49 -9.53 12.10
CA PRO C 126 11.07 -8.56 13.12
C PRO C 126 9.59 -8.25 13.16
N TYR C 127 8.87 -8.56 12.09
CA TYR C 127 7.50 -8.10 11.94
C TYR C 127 6.45 -9.17 11.77
N ALA C 128 6.86 -10.38 11.39
CA ALA C 128 5.90 -11.36 10.84
C ALA C 128 4.81 -11.71 11.86
N TRP C 129 5.14 -11.65 13.14
CA TRP C 129 4.19 -11.85 14.26
C TRP C 129 2.98 -10.87 14.25
N SER C 130 3.11 -9.77 13.52
CA SER C 130 2.03 -8.76 13.51
C SER C 130 1.10 -8.91 12.29
N TRP C 131 1.43 -9.84 11.36
CA TRP C 131 0.58 -10.07 10.16
C TRP C 131 0.45 -11.49 9.59
N GLN C 132 1.51 -12.31 9.61
CA GLN C 132 1.44 -13.68 9.11
C GLN C 132 0.40 -14.56 9.81
N HIS C 133 -0.17 -15.48 9.06
CA HIS C 133 -1.05 -16.52 9.59
C HIS C 133 -2.26 -15.88 10.30
N ASP C 134 -2.81 -14.86 9.68
CA ASP C 134 -3.99 -14.13 10.22
C ASP C 134 -3.72 -13.49 11.56
N ASN C 135 -2.47 -13.13 11.78
CA ASN C 135 -2.10 -12.39 12.97
C ASN C 135 -2.37 -10.89 12.79
N SER C 136 -2.41 -10.16 13.91
CA SER C 136 -2.59 -8.73 13.87
C SER C 136 -2.08 -8.12 15.17
N ARG C 137 -2.14 -6.80 15.28
CA ARG C 137 -1.83 -6.19 16.56
C ARG C 137 -2.87 -5.15 16.99
N TRP C 138 -2.92 -4.82 18.28
CA TRP C 138 -3.76 -3.67 18.71
C TRP C 138 -3.11 -2.95 19.87
N ASP C 139 -3.76 -1.88 20.35
CA ASP C 139 -3.26 -1.05 21.43
C ASP C 139 -4.42 -0.29 22.05
N LEU C 140 -4.65 -0.51 23.33
CA LEU C 140 -5.82 0.03 24.01
C LEU C 140 -5.68 1.50 24.41
N LEU C 141 -4.48 2.04 24.27
CA LEU C 141 -4.23 3.43 24.68
C LEU C 141 -5.10 4.44 23.95
N ASP C 142 -5.05 4.46 22.62
CA ASP C 142 -5.86 5.42 21.87
C ASP C 142 -7.33 5.00 21.81
N VAL C 143 -7.60 3.75 22.14
CA VAL C 143 -8.98 3.28 22.37
C VAL C 143 -9.55 4.03 23.58
N MET C 144 -8.77 4.13 24.65
CA MET C 144 -9.18 4.86 25.84
C MET C 144 -9.35 6.34 25.50
N ARG C 145 -8.32 6.95 24.91
CA ARG C 145 -8.41 8.32 24.42
C ARG C 145 -9.64 8.57 23.53
N ALA C 146 -9.90 7.68 22.57
CA ALA C 146 -11.02 7.85 21.63
C ALA C 146 -12.35 7.90 22.36
N CYS C 147 -12.51 6.95 23.29
CA CYS C 147 -13.71 6.79 24.07
C CYS C 147 -14.03 8.09 24.80
N TYR C 148 -13.05 8.59 25.55
CA TYR C 148 -13.19 9.84 26.30
C TYR C 148 -13.56 11.00 25.38
N ALA C 149 -12.94 11.04 24.20
CA ALA C 149 -13.15 12.12 23.27
C ALA C 149 -14.47 12.06 22.53
N LEU C 150 -14.95 10.85 22.20
CA LEU C 150 -16.10 10.70 21.29
C LEU C 150 -17.35 10.06 21.90
N ARG C 151 -17.16 9.17 22.88
CA ARG C 151 -18.27 8.56 23.63
C ARG C 151 -17.84 8.33 25.07
N PRO C 152 -17.72 9.43 25.85
CA PRO C 152 -17.21 9.31 27.22
C PRO C 152 -18.17 8.62 28.20
N GLU C 153 -19.44 8.51 27.83
CA GLU C 153 -20.48 8.05 28.76
C GLU C 153 -20.25 6.62 29.24
N GLY C 154 -20.34 6.44 30.54
CA GLY C 154 -20.25 5.11 31.15
C GLY C 154 -18.92 4.76 31.77
N ILE C 155 -17.90 5.57 31.47
CA ILE C 155 -16.56 5.34 32.02
C ILE C 155 -16.09 6.59 32.77
N ASN C 156 -15.43 6.37 33.90
CA ASN C 156 -14.92 7.47 34.73
C ASN C 156 -13.58 7.92 34.22
N TRP C 157 -13.49 9.20 33.86
CA TRP C 157 -12.26 9.75 33.31
C TRP C 157 -11.51 10.60 34.34
N PRO C 158 -10.30 10.16 34.71
CA PRO C 158 -9.58 10.81 35.79
C PRO C 158 -8.72 11.98 35.33
N GLU C 159 -8.53 12.96 36.22
CA GLU C 159 -7.87 14.21 35.88
C GLU C 159 -6.61 14.44 36.69
N ASN C 160 -5.81 15.41 36.25
CA ASN C 160 -4.61 15.84 36.96
C ASN C 160 -4.87 17.11 37.76
N ASP C 161 -3.82 17.58 38.42
CA ASP C 161 -3.84 18.83 39.19
C ASP C 161 -3.99 20.03 38.24
N ASP C 162 -4.34 19.74 37.00
CA ASP C 162 -4.51 20.73 35.94
C ASP C 162 -5.97 20.76 35.46
N GLY C 163 -6.66 19.63 35.62
CA GLY C 163 -8.01 19.45 35.09
C GLY C 163 -8.00 18.64 33.79
N LEU C 164 -6.80 18.34 33.30
CA LEU C 164 -6.62 17.60 32.06
C LEU C 164 -6.88 16.10 32.26
N PRO C 165 -7.61 15.47 31.32
CA PRO C 165 -7.83 14.02 31.37
C PRO C 165 -6.52 13.25 31.25
N SER C 166 -6.38 12.20 32.06
CA SER C 166 -5.17 11.39 32.09
C SER C 166 -5.45 10.00 31.53
N PHE C 167 -4.42 9.37 30.97
CA PHE C 167 -4.60 8.05 30.35
C PHE C 167 -3.54 7.04 30.73
N ARG C 168 -2.82 7.34 31.81
CA ARG C 168 -1.96 6.37 32.45
C ARG C 168 -2.86 5.20 32.90
N LEU C 169 -2.43 3.98 32.58
CA LEU C 169 -3.21 2.80 32.89
C LEU C 169 -3.72 2.74 34.35
N GLU C 170 -2.81 2.90 35.30
CA GLU C 170 -3.18 2.78 36.72
C GLU C 170 -4.14 3.88 37.17
N HIS C 171 -3.95 5.09 36.63
CA HIS C 171 -4.90 6.18 36.83
C HIS C 171 -6.30 5.78 36.33
N LEU C 172 -6.36 5.07 35.21
CA LEU C 172 -7.64 4.67 34.63
C LEU C 172 -8.33 3.56 35.39
N THR C 173 -7.56 2.55 35.78
CA THR C 173 -8.11 1.37 36.46
C THR C 173 -8.55 1.72 37.87
N LYS C 174 -7.71 2.48 38.57
CA LYS C 174 -8.03 2.99 39.91
C LYS C 174 -9.32 3.81 39.90
N ALA C 175 -9.53 4.62 38.86
CA ALA C 175 -10.74 5.44 38.71
C ALA C 175 -12.00 4.64 38.36
N ASN C 176 -11.82 3.38 37.96
CA ASN C 176 -12.94 2.53 37.58
C ASN C 176 -13.08 1.27 38.45
N GLY C 177 -12.55 1.36 39.67
CA GLY C 177 -12.71 0.32 40.69
C GLY C 177 -12.30 -1.07 40.24
N ILE C 178 -11.15 -1.17 39.58
CA ILE C 178 -10.64 -2.46 39.13
C ILE C 178 -9.38 -2.87 39.91
N GLU C 179 -8.26 -2.16 39.68
CA GLU C 179 -7.04 -2.28 40.50
C GLU C 179 -5.97 -1.30 40.05
N HIS C 184 3.73 -1.09 39.89
CA HIS C 184 4.31 -1.89 38.82
C HIS C 184 4.35 -3.38 39.14
N ASP C 185 4.05 -4.18 38.12
CA ASP C 185 4.01 -5.64 38.13
C ASP C 185 3.51 -5.94 36.73
N ALA C 186 4.35 -6.61 35.93
CA ALA C 186 4.06 -6.84 34.51
C ALA C 186 2.71 -7.52 34.31
N MET C 187 2.52 -8.63 35.02
CA MET C 187 1.33 -9.47 34.90
C MET C 187 0.10 -8.74 35.41
N ALA C 188 0.30 -7.84 36.39
CA ALA C 188 -0.80 -7.04 36.90
C ALA C 188 -1.27 -6.08 35.83
N ASP C 189 -0.31 -5.44 35.16
CA ASP C 189 -0.64 -4.58 34.02
C ASP C 189 -1.26 -5.37 32.86
N VAL C 190 -0.88 -6.63 32.70
CA VAL C 190 -1.57 -7.45 31.72
C VAL C 190 -3.06 -7.56 32.05
N TYR C 191 -3.38 -7.79 33.32
CA TYR C 191 -4.79 -7.90 33.72
C TYR C 191 -5.53 -6.55 33.61
N ALA C 192 -4.82 -5.47 33.94
CA ALA C 192 -5.43 -4.14 33.92
C ALA C 192 -5.83 -3.78 32.49
N THR C 193 -5.01 -4.20 31.54
CA THR C 193 -5.27 -3.99 30.11
C THR C 193 -6.50 -4.78 29.68
N ILE C 194 -6.55 -6.07 30.07
CA ILE C 194 -7.69 -6.90 29.78
C ILE C 194 -8.95 -6.27 30.36
N ALA C 195 -8.91 -5.96 31.67
CA ALA C 195 -10.00 -5.27 32.37
C ALA C 195 -10.46 -4.00 31.65
N MET C 196 -9.52 -3.22 31.14
CA MET C 196 -9.85 -2.00 30.41
C MET C 196 -10.51 -2.30 29.06
N ALA C 197 -10.09 -3.39 28.41
CA ALA C 197 -10.73 -3.82 27.17
C ALA C 197 -12.18 -4.23 27.41
N LYS C 198 -12.43 -4.96 28.51
CA LYS C 198 -13.77 -5.42 28.90
C LYS C 198 -14.74 -4.27 29.17
N LEU C 199 -14.28 -3.31 29.98
CA LEU C 199 -15.02 -2.10 30.31
C LEU C 199 -15.56 -1.38 29.08
N VAL C 200 -14.68 -1.02 28.14
CA VAL C 200 -15.08 -0.28 26.94
C VAL C 200 -16.01 -1.13 26.07
N LYS C 201 -15.63 -2.37 25.86
CA LYS C 201 -16.42 -3.32 25.10
C LYS C 201 -17.86 -3.34 25.62
N THR C 202 -18.02 -3.35 26.94
CA THR C 202 -19.34 -3.36 27.58
C THR C 202 -20.03 -2.01 27.48
N ARG C 203 -19.34 -0.94 27.85
CA ARG C 203 -19.98 0.37 27.87
C ARG C 203 -20.16 0.99 26.48
N GLN C 204 -19.21 0.78 25.58
CA GLN C 204 -19.31 1.38 24.23
C GLN C 204 -19.00 0.43 23.06
N PRO C 205 -19.77 -0.67 22.92
CA PRO C 205 -19.51 -1.69 21.90
C PRO C 205 -19.38 -1.20 20.45
N ARG C 206 -20.14 -0.18 20.07
CA ARG C 206 -20.13 0.28 18.68
C ARG C 206 -18.82 0.97 18.27
N LEU C 207 -18.32 1.84 19.14
CA LEU C 207 -17.03 2.51 18.97
C LEU C 207 -15.89 1.49 18.98
N PHE C 208 -15.93 0.64 20.00
CA PHE C 208 -15.02 -0.47 20.12
C PHE C 208 -14.95 -1.25 18.81
N ASP C 209 -16.11 -1.59 18.24
CA ASP C 209 -16.19 -2.33 16.96
C ASP C 209 -15.56 -1.53 15.82
N TYR C 210 -15.85 -0.23 15.80
CA TYR C 210 -15.34 0.67 14.76
C TYR C 210 -13.83 0.75 14.80
N LEU C 211 -13.27 0.84 16.01
CA LEU C 211 -11.83 0.97 16.20
C LEU C 211 -11.12 -0.35 15.95
N PHE C 212 -11.76 -1.45 16.34
CA PHE C 212 -11.19 -2.76 16.07
C PHE C 212 -11.08 -3.00 14.57
N THR C 213 -12.15 -2.73 13.83
CA THR C 213 -12.22 -2.96 12.39
C THR C 213 -11.27 -2.04 11.60
N HIS C 214 -11.11 -0.83 12.10
CA HIS C 214 -10.30 0.17 11.42
C HIS C 214 -8.82 0.14 11.75
N ARG C 215 -8.35 -0.88 12.49
CA ARG C 215 -6.91 -1.15 12.57
C ARG C 215 -6.36 -1.40 11.16
N ASN C 216 -7.21 -1.93 10.29
CA ASN C 216 -6.85 -2.37 8.93
C ASN C 216 -6.45 -1.18 8.09
N LYS C 217 -5.27 -1.23 7.47
CA LYS C 217 -4.84 -0.09 6.63
C LYS C 217 -5.73 0.17 5.40
N HIS C 218 -6.23 -0.89 4.76
CA HIS C 218 -7.16 -0.71 3.62
C HIS C 218 -8.51 -0.18 4.07
N LYS C 219 -8.99 -0.64 5.22
CA LYS C 219 -10.13 0.03 5.87
C LYS C 219 -9.86 1.50 6.12
N LEU C 220 -8.61 1.83 6.47
CA LEU C 220 -8.22 3.22 6.70
C LEU C 220 -8.12 4.05 5.40
N MET C 221 -7.47 3.47 4.39
CA MET C 221 -7.46 4.04 3.04
C MET C 221 -8.87 4.28 2.48
N ALA C 222 -9.78 3.31 2.67
CA ALA C 222 -11.21 3.49 2.37
C ALA C 222 -11.80 4.76 2.97
N LEU C 223 -11.24 5.20 4.09
CA LEU C 223 -11.67 6.42 4.79
C LEU C 223 -10.90 7.64 4.34
N ILE C 224 -9.72 7.44 3.76
CA ILE C 224 -8.87 8.55 3.38
C ILE C 224 -9.08 8.90 1.92
N ASP C 225 -9.54 10.13 1.72
CA ASP C 225 -9.76 10.70 0.42
C ASP C 225 -8.78 11.85 0.32
N VAL C 226 -7.58 11.55 -0.19
CA VAL C 226 -6.51 12.52 -0.39
C VAL C 226 -6.91 13.59 -1.41
N PRO C 227 -7.34 13.19 -2.63
CA PRO C 227 -7.61 14.19 -3.67
C PRO C 227 -8.65 15.25 -3.25
N GLN C 228 -9.69 14.84 -2.52
CA GLN C 228 -10.75 15.77 -2.14
C GLN C 228 -10.56 16.45 -0.80
N MET C 229 -9.48 16.07 -0.10
CA MET C 229 -9.21 16.55 1.26
C MET C 229 -10.40 16.38 2.22
N LYS C 230 -11.10 15.26 2.09
CA LYS C 230 -12.25 14.93 2.94
C LYS C 230 -11.88 14.99 4.43
N PRO C 231 -12.59 15.83 5.22
CA PRO C 231 -12.22 16.02 6.63
C PRO C 231 -12.51 14.77 7.47
N LEU C 232 -11.69 14.54 8.49
CA LEU C 232 -11.82 13.38 9.37
C LEU C 232 -11.67 13.84 10.81
N VAL C 233 -12.08 13.01 11.75
CA VAL C 233 -11.68 13.21 13.12
C VAL C 233 -10.50 12.29 13.39
N HIS C 234 -9.45 12.85 14.00
CA HIS C 234 -8.30 12.08 14.45
C HIS C 234 -8.09 12.29 15.95
N VAL C 235 -8.01 11.20 16.70
CA VAL C 235 -7.53 11.25 18.10
C VAL C 235 -6.06 10.81 18.19
N SER C 236 -5.29 11.53 19.00
CA SER C 236 -3.83 11.33 19.06
C SER C 236 -3.25 12.08 20.24
N GLY C 237 -2.25 11.49 20.88
CA GLY C 237 -1.57 12.11 22.01
C GLY C 237 -0.85 13.39 21.66
N MET C 238 -0.36 13.46 20.43
CA MET C 238 0.37 14.63 19.91
C MET C 238 -0.45 15.93 19.88
N PHE C 239 -1.77 15.80 20.14
CA PHE C 239 -2.67 16.94 20.21
C PHE C 239 -2.75 17.45 21.64
N GLY C 240 -2.53 16.56 22.61
CA GLY C 240 -2.44 16.95 24.01
C GLY C 240 -3.76 17.02 24.75
N ALA C 241 -3.71 16.67 26.04
CA ALA C 241 -4.90 16.53 26.86
C ALA C 241 -5.76 17.80 27.01
N TRP C 242 -5.22 18.95 26.65
CA TRP C 242 -6.04 20.17 26.70
C TRP C 242 -7.20 20.20 25.69
N ARG C 243 -7.06 19.48 24.56
CA ARG C 243 -8.16 19.30 23.59
C ARG C 243 -8.78 17.92 23.73
N GLY C 244 -8.39 17.18 24.75
CA GLY C 244 -8.76 15.78 24.84
C GLY C 244 -8.24 15.03 23.62
N ASN C 245 -7.02 15.38 23.19
CA ASN C 245 -6.30 14.65 22.15
C ASN C 245 -7.00 14.60 20.78
N THR C 246 -7.82 15.61 20.51
CA THR C 246 -8.71 15.54 19.36
C THR C 246 -8.71 16.76 18.47
N SER C 247 -8.98 16.53 17.19
CA SER C 247 -9.16 17.59 16.21
C SER C 247 -9.73 17.03 14.92
N TRP C 248 -10.17 17.92 14.04
CA TRP C 248 -10.56 17.52 12.70
C TRP C 248 -9.34 17.67 11.81
N VAL C 249 -9.24 16.81 10.80
CA VAL C 249 -8.03 16.76 9.98
C VAL C 249 -8.34 16.62 8.50
N ALA C 250 -7.49 17.19 7.66
CA ALA C 250 -7.64 17.01 6.23
C ALA C 250 -6.39 16.39 5.64
N PRO C 251 -6.54 15.23 5.00
CA PRO C 251 -5.47 14.55 4.30
C PRO C 251 -5.08 15.33 3.04
N LEU C 252 -3.84 15.78 3.00
CA LEU C 252 -3.29 16.49 1.84
C LEU C 252 -2.53 15.61 0.87
N ALA C 253 -1.69 14.72 1.40
CA ALA C 253 -0.82 13.89 0.57
C ALA C 253 -0.25 12.67 1.25
N TRP C 254 0.08 11.69 0.41
CA TRP C 254 0.89 10.59 0.84
C TRP C 254 2.31 11.07 0.99
N HIS C 255 2.95 10.68 2.09
CA HIS C 255 4.32 11.03 2.41
C HIS C 255 5.23 10.50 1.31
N PRO C 256 6.11 11.36 0.78
CA PRO C 256 6.89 10.99 -0.42
C PRO C 256 7.90 9.87 -0.16
N GLU C 257 8.35 9.74 1.07
CA GLU C 257 9.33 8.72 1.39
C GLU C 257 8.85 7.63 2.35
N ASN C 258 7.80 7.91 3.12
CA ASN C 258 7.29 6.94 4.10
C ASN C 258 5.99 6.32 3.62
N ARG C 259 6.06 5.06 3.20
CA ARG C 259 4.91 4.30 2.69
C ARG C 259 3.71 4.23 3.62
N ASN C 260 3.99 4.19 4.93
CA ASN C 260 2.96 4.05 5.96
C ASN C 260 2.45 5.38 6.50
N ALA C 261 2.90 6.48 5.92
CA ALA C 261 2.50 7.79 6.41
C ALA C 261 1.71 8.55 5.36
N VAL C 262 0.68 9.26 5.84
CA VAL C 262 -0.06 10.23 5.07
C VAL C 262 0.09 11.60 5.74
N ILE C 263 0.37 12.63 4.95
CA ILE C 263 0.56 13.97 5.51
C ILE C 263 -0.82 14.58 5.76
N MET C 264 -1.03 15.12 6.96
CA MET C 264 -2.32 15.74 7.28
C MET C 264 -2.23 17.11 7.95
N VAL C 265 -3.22 17.96 7.67
CA VAL C 265 -3.28 19.30 8.23
C VAL C 265 -4.30 19.33 9.36
N ASP C 266 -3.88 19.86 10.50
CA ASP C 266 -4.79 20.13 11.62
C ASP C 266 -5.63 21.38 11.32
N LEU C 267 -6.91 21.15 11.03
CA LEU C 267 -7.85 22.21 10.64
C LEU C 267 -8.20 23.19 11.76
N ALA C 268 -7.85 22.84 13.00
CA ALA C 268 -8.08 23.72 14.13
C ALA C 268 -6.92 24.70 14.31
N GLY C 269 -5.75 24.38 13.77
CA GLY C 269 -4.58 25.25 13.87
C GLY C 269 -4.65 26.47 12.97
N ASP C 270 -3.55 27.22 12.92
CA ASP C 270 -3.48 28.41 12.06
C ASP C 270 -2.86 28.08 10.70
N ILE C 271 -3.63 28.24 9.63
CA ILE C 271 -3.21 27.80 8.30
C ILE C 271 -2.57 28.89 7.44
N SER C 272 -2.22 30.01 8.05
CA SER C 272 -1.59 31.13 7.32
C SER C 272 -0.10 30.92 7.00
N PRO C 273 0.67 30.29 7.90
CA PRO C 273 2.05 29.96 7.49
C PRO C 273 2.09 29.01 6.30
N LEU C 274 1.03 28.22 6.13
CA LEU C 274 0.88 27.33 4.99
C LEU C 274 0.55 28.12 3.72
N LEU C 275 -0.32 29.11 3.87
CA LEU C 275 -0.70 29.98 2.76
C LEU C 275 0.44 30.86 2.30
N GLU C 276 1.23 31.35 3.26
CA GLU C 276 2.16 32.44 2.99
C GLU C 276 3.61 31.99 2.74
N LEU C 277 4.21 31.28 3.69
CA LEU C 277 5.60 30.83 3.54
C LEU C 277 5.75 29.82 2.42
N ASP C 278 6.97 29.67 1.91
CA ASP C 278 7.29 28.64 0.93
C ASP C 278 7.67 27.34 1.64
N SER C 279 7.90 26.29 0.85
CA SER C 279 8.21 24.97 1.38
C SER C 279 9.43 24.95 2.31
N ASP C 280 10.51 25.61 1.88
CA ASP C 280 11.77 25.62 2.65
C ASP C 280 11.67 26.32 4.01
N THR C 281 10.89 27.40 4.04
CA THR C 281 10.65 28.15 5.29
C THR C 281 9.68 27.39 6.20
N LEU C 282 8.67 26.76 5.59
CA LEU C 282 7.76 25.88 6.33
C LEU C 282 8.51 24.73 6.99
N ARG C 283 9.44 24.12 6.25
CA ARG C 283 10.29 23.03 6.76
C ARG C 283 11.10 23.48 7.98
N GLU C 284 11.71 24.66 7.84
CA GLU C 284 12.53 25.26 8.90
C GLU C 284 11.66 25.58 10.12
N ARG C 285 10.46 26.10 9.85
CA ARG C 285 9.49 26.42 10.89
C ARG C 285 8.99 25.17 11.61
N LEU C 286 8.72 24.13 10.82
CA LEU C 286 8.19 22.87 11.36
C LEU C 286 9.16 22.23 12.34
N TYR C 287 10.47 22.38 12.10
CA TYR C 287 11.47 21.69 12.93
C TYR C 287 12.14 22.56 14.01
N THR C 288 11.45 23.64 14.37
CA THR C 288 11.86 24.47 15.48
C THR C 288 11.03 24.10 16.70
N ALA C 289 11.72 23.91 17.82
CA ALA C 289 11.06 23.61 19.10
C ALA C 289 10.06 24.71 19.47
N LYS C 290 9.17 24.42 20.40
CA LYS C 290 8.15 25.38 20.83
C LYS C 290 8.76 26.53 21.65
N THR C 291 9.73 26.19 22.49
CA THR C 291 10.44 27.17 23.32
C THR C 291 11.22 28.19 22.47
N ASP C 292 12.06 27.71 21.55
CA ASP C 292 12.74 28.61 20.62
C ASP C 292 11.94 28.90 19.36
N LEU C 293 10.61 28.85 19.48
CA LEU C 293 9.70 29.43 18.51
C LEU C 293 9.33 30.81 19.05
N GLY C 294 8.97 31.74 18.16
CA GLY C 294 8.83 33.14 18.57
C GLY C 294 7.40 33.62 18.69
N ASP C 295 7.12 34.76 18.07
CA ASP C 295 5.76 35.25 17.91
C ASP C 295 5.09 34.55 16.71
N ASN C 296 5.89 33.76 15.99
CA ASN C 296 5.45 33.02 14.81
C ASN C 296 4.46 31.90 15.11
N ALA C 297 3.56 31.65 14.16
CA ALA C 297 2.63 30.53 14.25
C ALA C 297 3.35 29.21 13.90
N ALA C 298 2.94 28.14 14.56
CA ALA C 298 3.43 26.81 14.25
C ALA C 298 2.69 26.24 13.05
N VAL C 299 3.41 25.48 12.22
CA VAL C 299 2.85 24.77 11.07
C VAL C 299 1.92 23.66 11.58
N PRO C 300 0.61 23.73 11.26
CA PRO C 300 -0.34 22.76 11.78
C PRO C 300 -0.45 21.52 10.89
N VAL C 301 0.66 20.80 10.74
CA VAL C 301 0.68 19.58 9.97
C VAL C 301 1.08 18.40 10.85
N LYS C 302 0.34 17.30 10.74
CA LYS C 302 0.69 16.05 11.42
C LYS C 302 0.87 14.91 10.42
N LEU C 303 1.84 14.03 10.70
CA LEU C 303 1.91 12.75 10.02
C LEU C 303 1.01 11.76 10.74
N VAL C 304 0.21 11.03 9.97
CA VAL C 304 -0.60 9.95 10.52
C VAL C 304 -0.16 8.64 9.91
N HIS C 305 0.17 7.67 10.76
CA HIS C 305 0.80 6.42 10.32
C HIS C 305 -0.20 5.29 10.20
N ILE C 306 -0.51 4.93 8.95
CA ILE C 306 -1.60 4.01 8.68
C ILE C 306 -1.39 2.62 9.32
N ASN C 307 -0.15 2.30 9.69
CA ASN C 307 0.16 0.99 10.29
C ASN C 307 0.13 0.94 11.82
N LYS C 308 -0.23 2.05 12.47
CA LYS C 308 -0.07 2.15 13.93
C LYS C 308 -1.39 2.27 14.67
N CYS C 309 -2.45 1.70 14.12
CA CYS C 309 -3.79 1.82 14.70
C CYS C 309 -4.11 3.28 15.06
N PRO C 310 -4.02 4.19 14.07
CA PRO C 310 -4.40 5.56 14.39
C PRO C 310 -5.89 5.69 14.46
N VAL C 311 -6.38 6.52 15.36
CA VAL C 311 -7.80 6.74 15.47
C VAL C 311 -8.24 7.71 14.38
N LEU C 312 -8.94 7.18 13.38
CA LEU C 312 -9.47 7.97 12.29
C LEU C 312 -10.90 7.56 12.07
N ALA C 313 -11.82 8.51 12.21
CA ALA C 313 -13.25 8.28 12.00
C ALA C 313 -13.87 9.37 11.12
N GLN C 314 -15.13 9.16 10.74
CA GLN C 314 -15.90 10.17 10.01
C GLN C 314 -15.96 11.48 10.79
N ALA C 315 -15.79 12.61 10.08
CA ALA C 315 -15.86 13.93 10.71
C ALA C 315 -16.99 14.06 11.75
N ASN C 316 -18.20 13.70 11.34
CA ASN C 316 -19.39 13.83 12.17
C ASN C 316 -19.46 12.86 13.34
N THR C 317 -18.42 12.03 13.50
CA THR C 317 -18.31 11.19 14.69
C THR C 317 -18.07 12.06 15.94
N LEU C 318 -17.33 13.16 15.78
CA LEU C 318 -17.24 14.17 16.83
C LEU C 318 -18.55 14.93 16.86
N ARG C 319 -19.36 14.63 17.87
CA ARG C 319 -20.66 15.27 18.06
C ARG C 319 -20.50 16.73 18.51
N PRO C 320 -21.40 17.62 18.06
CA PRO C 320 -21.36 19.04 18.45
C PRO C 320 -21.06 19.28 19.95
N GLU C 321 -21.82 18.62 20.82
CA GLU C 321 -21.64 18.74 22.28
C GLU C 321 -20.26 18.25 22.72
N ASP C 322 -19.78 17.19 22.06
CA ASP C 322 -18.46 16.63 22.34
C ASP C 322 -17.36 17.61 21.93
N ALA C 323 -17.45 18.13 20.70
CA ALA C 323 -16.56 19.20 20.23
C ALA C 323 -16.57 20.38 21.21
N ASP C 324 -17.77 20.76 21.63
CA ASP C 324 -17.94 21.84 22.60
C ASP C 324 -17.33 21.54 23.96
N ARG C 325 -17.50 20.31 24.44
CA ARG C 325 -16.84 19.86 25.67
C ARG C 325 -15.32 20.01 25.56
N LEU C 326 -14.75 19.51 24.47
CA LEU C 326 -13.31 19.54 24.25
C LEU C 326 -12.80 20.93 23.87
N GLY C 327 -13.75 21.85 23.69
CA GLY C 327 -13.43 23.23 23.32
C GLY C 327 -12.76 23.31 21.96
N ILE C 328 -13.26 22.53 21.00
CA ILE C 328 -12.73 22.53 19.64
C ILE C 328 -13.68 23.32 18.74
N ASN C 329 -13.17 24.43 18.20
CA ASN C 329 -13.95 25.31 17.34
C ASN C 329 -14.34 24.64 16.03
N ARG C 330 -15.61 24.32 15.90
CA ARG C 330 -16.12 23.68 14.68
C ARG C 330 -16.00 24.59 13.46
N GLN C 331 -16.53 25.80 13.56
CA GLN C 331 -16.51 26.75 12.46
C GLN C 331 -15.10 27.08 11.97
N HIS C 332 -14.16 27.24 12.90
CA HIS C 332 -12.76 27.50 12.53
C HIS C 332 -12.22 26.41 11.59
N CYS C 333 -12.36 25.15 12.00
CA CYS C 333 -12.01 24.01 11.16
C CYS C 333 -12.64 24.09 9.77
N LEU C 334 -13.96 24.28 9.75
CA LEU C 334 -14.73 24.41 8.51
C LEU C 334 -14.20 25.51 7.59
N ASP C 335 -13.84 26.66 8.20
CA ASP C 335 -13.27 27.79 7.48
C ASP C 335 -11.96 27.38 6.82
N ASN C 336 -11.07 26.77 7.61
CA ASN C 336 -9.78 26.31 7.11
C ASN C 336 -9.91 25.29 5.96
N LEU C 337 -10.86 24.37 6.09
CA LEU C 337 -11.11 23.36 5.05
C LEU C 337 -11.51 23.99 3.72
N LYS C 338 -12.36 25.03 3.79
CA LYS C 338 -12.76 25.82 2.63
C LYS C 338 -11.57 26.52 1.98
N ILE C 339 -10.77 27.21 2.78
CA ILE C 339 -9.56 27.87 2.29
C ILE C 339 -8.61 26.87 1.63
N LEU C 340 -8.34 25.75 2.31
CA LEU C 340 -7.41 24.73 1.80
C LEU C 340 -7.85 24.13 0.46
N ARG C 341 -9.15 23.89 0.33
CA ARG C 341 -9.71 23.41 -0.92
C ARG C 341 -9.62 24.46 -2.03
N GLU C 342 -9.66 25.74 -1.63
CA GLU C 342 -9.61 26.86 -2.57
C GLU C 342 -8.20 27.38 -2.83
N ASN C 343 -7.20 26.75 -2.21
CA ASN C 343 -5.80 27.09 -2.46
C ASN C 343 -4.96 25.84 -2.71
N PRO C 344 -5.08 25.25 -3.91
CA PRO C 344 -4.48 23.96 -4.24
C PRO C 344 -2.96 23.88 -4.10
N GLN C 345 -2.27 25.01 -4.22
CA GLN C 345 -0.81 25.03 -4.25
C GLN C 345 -0.16 24.63 -2.91
N VAL C 346 -0.87 24.87 -1.80
CA VAL C 346 -0.41 24.53 -0.45
C VAL C 346 0.05 23.07 -0.40
N ARG C 347 -0.77 22.20 -1.00
CA ARG C 347 -0.47 20.79 -1.14
C ARG C 347 0.91 20.53 -1.73
N GLU C 348 1.28 21.26 -2.78
CA GLU C 348 2.60 21.14 -3.40
C GLU C 348 3.73 21.48 -2.42
N LYS C 349 3.52 22.52 -1.62
CA LYS C 349 4.52 22.97 -0.65
C LYS C 349 4.67 21.98 0.51
N VAL C 350 3.53 21.55 1.07
CA VAL C 350 3.50 20.67 2.22
C VAL C 350 4.17 19.32 1.94
N VAL C 351 4.01 18.81 0.72
CA VAL C 351 4.65 17.56 0.32
C VAL C 351 6.16 17.74 0.17
N ALA C 352 6.56 18.88 -0.39
CA ALA C 352 7.98 19.21 -0.62
C ALA C 352 8.75 19.27 0.70
N ILE C 353 8.05 19.65 1.77
CA ILE C 353 8.61 19.57 3.13
C ILE C 353 9.21 18.19 3.42
N PHE C 354 8.53 17.14 3.00
CA PHE C 354 8.91 15.78 3.39
C PHE C 354 9.69 15.00 2.34
N ALA C 355 10.04 15.67 1.26
CA ALA C 355 10.82 15.04 0.20
C ALA C 355 12.32 15.27 0.33
N GLU C 356 12.75 15.84 1.45
CA GLU C 356 14.18 15.93 1.77
C GLU C 356 14.61 14.68 2.53
N ALA C 357 15.70 14.06 2.08
CA ALA C 357 16.32 12.87 2.72
C ALA C 357 16.96 11.96 1.66
N SER C 363 24.43 5.66 12.35
CA SER C 363 24.96 5.09 13.60
C SER C 363 25.70 3.79 13.30
N ASP C 364 26.89 3.63 13.88
CA ASP C 364 27.69 2.41 13.69
C ASP C 364 27.28 1.23 14.61
N ASN C 365 26.40 1.47 15.58
CA ASN C 365 25.86 0.38 16.41
C ASN C 365 24.78 -0.39 15.65
N VAL C 366 25.05 -1.68 15.40
CA VAL C 366 24.10 -2.55 14.71
C VAL C 366 22.79 -2.72 15.50
N ASP C 367 22.89 -2.73 16.83
CA ASP C 367 21.73 -2.69 17.72
C ASP C 367 20.73 -1.61 17.36
N ALA C 368 21.21 -0.52 16.75
CA ALA C 368 20.35 0.65 16.43
C ALA C 368 19.92 0.72 14.97
N GLN C 369 20.31 -0.26 14.15
CA GLN C 369 20.12 -0.15 12.71
C GLN C 369 19.05 -1.05 12.10
N LEU C 370 18.04 -1.46 12.88
CA LEU C 370 16.95 -2.29 12.36
C LEU C 370 16.24 -1.68 11.17
N TYR C 371 15.99 -0.36 11.23
CA TYR C 371 15.23 0.34 10.21
C TYR C 371 16.05 0.81 9.01
N ASN C 372 17.33 0.49 9.00
CA ASN C 372 18.15 0.77 7.84
C ASN C 372 17.54 0.13 6.61
N GLY C 373 16.83 -0.99 6.79
CA GLY C 373 16.12 -1.64 5.70
C GLY C 373 15.82 -3.11 5.88
N PHE C 374 15.01 -3.66 4.97
CA PHE C 374 14.76 -5.10 4.90
C PHE C 374 16.02 -5.84 4.43
N PHE C 375 16.03 -7.16 4.57
CA PHE C 375 17.18 -7.97 4.11
C PHE C 375 16.85 -8.65 2.78
N SER C 376 17.86 -8.82 1.91
CA SER C 376 17.68 -9.50 0.62
C SER C 376 17.22 -10.94 0.84
N ASP C 377 17.06 -11.68 -0.26
CA ASP C 377 16.54 -13.04 -0.16
C ASP C 377 17.60 -14.08 0.19
N ALA C 378 18.78 -13.96 -0.42
CA ALA C 378 19.93 -14.74 0.02
C ALA C 378 20.13 -14.59 1.54
N ASP C 379 20.26 -13.34 1.99
CA ASP C 379 20.49 -12.99 3.40
C ASP C 379 19.44 -13.50 4.40
N ARG C 380 18.19 -13.62 3.98
CA ARG C 380 17.16 -14.13 4.89
C ARG C 380 17.23 -15.65 5.01
N ALA C 381 17.62 -16.32 3.93
CA ALA C 381 17.76 -17.77 3.92
C ALA C 381 18.96 -18.22 4.78
N ALA C 382 20.08 -17.52 4.60
CA ALA C 382 21.25 -17.61 5.45
C ALA C 382 20.94 -17.41 6.93
N MET C 383 20.20 -16.35 7.25
CA MET C 383 19.88 -16.04 8.64
C MET C 383 18.97 -17.07 9.24
N LYS C 384 18.16 -17.67 8.38
CA LYS C 384 17.25 -18.75 8.74
C LYS C 384 18.09 -19.91 9.27
N ILE C 385 19.19 -20.19 8.57
CA ILE C 385 20.13 -21.25 8.95
C ILE C 385 20.87 -20.96 10.25
N VAL C 386 21.27 -19.70 10.45
CA VAL C 386 21.78 -19.22 11.75
C VAL C 386 20.78 -19.62 12.83
N LEU C 387 19.51 -19.35 12.57
CA LEU C 387 18.44 -19.57 13.55
C LEU C 387 18.25 -21.05 13.89
N GLU C 388 18.41 -21.92 12.89
CA GLU C 388 18.13 -23.35 13.05
C GLU C 388 19.32 -24.14 13.59
N THR C 389 20.49 -23.52 13.62
CA THR C 389 21.72 -24.15 14.09
C THR C 389 21.82 -24.07 15.61
N GLU C 390 22.02 -25.22 16.25
CA GLU C 390 22.43 -25.28 17.65
C GLU C 390 23.61 -24.35 17.89
N PRO C 391 23.54 -23.52 18.96
CA PRO C 391 24.62 -22.63 19.39
C PRO C 391 26.03 -23.22 19.22
N ARG C 392 26.25 -24.44 19.73
CA ARG C 392 27.56 -25.10 19.67
C ARG C 392 28.09 -25.33 18.23
N ASN C 393 27.20 -25.29 17.26
CA ASN C 393 27.51 -25.68 15.88
C ASN C 393 27.77 -24.51 14.95
N LEU C 394 27.58 -23.31 15.48
CA LEU C 394 27.72 -22.11 14.68
C LEU C 394 29.17 -21.84 14.24
N PRO C 395 30.15 -22.09 15.12
CA PRO C 395 31.55 -21.93 14.67
C PRO C 395 31.86 -22.77 13.45
N ALA C 396 31.16 -23.89 13.30
CA ALA C 396 31.37 -24.81 12.21
C ALA C 396 30.61 -24.38 10.95
N LEU C 397 29.88 -23.27 11.02
CA LEU C 397 29.06 -22.88 9.89
C LEU C 397 29.80 -22.14 8.78
N ASP C 398 30.32 -20.96 9.07
CA ASP C 398 30.94 -20.08 8.05
C ASP C 398 30.02 -19.64 6.90
N ILE C 399 29.10 -18.73 7.21
CA ILE C 399 28.13 -18.25 6.23
C ILE C 399 28.52 -16.87 5.71
N THR C 400 28.20 -16.62 4.45
CA THR C 400 28.43 -15.32 3.82
C THR C 400 27.13 -14.52 3.79
N PHE C 401 27.19 -13.27 4.24
CA PHE C 401 26.05 -12.37 4.15
C PHE C 401 26.38 -11.16 3.27
N VAL C 402 25.37 -10.52 2.68
CA VAL C 402 25.59 -9.28 1.93
C VAL C 402 25.43 -8.07 2.84
N ASP C 403 24.26 -7.96 3.47
CA ASP C 403 23.99 -6.83 4.36
C ASP C 403 25.02 -6.80 5.47
N LYS C 404 25.75 -5.70 5.52
CA LYS C 404 26.85 -5.51 6.47
C LYS C 404 26.42 -5.61 7.94
N ARG C 405 25.13 -5.39 8.23
CA ARG C 405 24.63 -5.56 9.59
C ARG C 405 24.84 -7.00 10.09
N ILE C 406 24.66 -7.99 9.23
CA ILE C 406 24.49 -9.36 9.71
C ILE C 406 25.71 -9.95 10.44
N GLU C 407 26.91 -9.71 9.92
CA GLU C 407 28.12 -10.25 10.56
C GLU C 407 28.18 -9.76 12.02
N LYS C 408 27.85 -8.48 12.22
CA LYS C 408 27.84 -7.86 13.52
C LYS C 408 26.73 -8.42 14.39
N LEU C 409 25.56 -8.59 13.78
CA LEU C 409 24.38 -9.19 14.41
C LEU C 409 24.76 -10.53 14.98
N LEU C 410 25.32 -11.37 14.12
CA LEU C 410 25.82 -12.70 14.47
C LEU C 410 26.84 -12.70 15.62
N PHE C 411 27.83 -11.79 15.55
CA PHE C 411 28.86 -11.73 16.58
C PHE C 411 28.32 -11.33 17.95
N ASN C 412 27.48 -10.32 17.98
CA ASN C 412 26.83 -9.95 19.21
C ASN C 412 25.96 -11.07 19.75
N TYR C 413 25.20 -11.69 18.86
CA TYR C 413 24.34 -12.80 19.20
C TYR C 413 25.12 -13.89 19.91
N ARG C 414 26.15 -14.40 19.25
CA ARG C 414 27.04 -15.41 19.81
C ARG C 414 27.74 -15.01 21.11
N ALA C 415 28.36 -13.83 21.16
CA ALA C 415 29.10 -13.44 22.36
C ALA C 415 28.20 -13.18 23.56
N ARG C 416 27.08 -12.53 23.31
CA ARG C 416 26.16 -12.17 24.38
C ARG C 416 25.47 -13.39 24.95
N ASN C 417 25.06 -14.30 24.07
CA ASN C 417 24.25 -15.44 24.51
C ASN C 417 25.04 -16.73 24.74
N PHE C 418 26.10 -16.95 23.96
CA PHE C 418 26.82 -18.22 24.07
C PHE C 418 28.33 -18.01 24.20
N PRO C 419 28.75 -17.26 25.24
CA PRO C 419 30.16 -16.92 25.32
C PRO C 419 31.04 -18.17 25.44
N GLY C 420 30.49 -19.26 25.97
CA GLY C 420 31.29 -20.50 26.08
C GLY C 420 31.75 -21.03 24.73
N THR C 421 31.26 -20.40 23.67
CA THR C 421 31.34 -20.89 22.30
C THR C 421 32.41 -20.11 21.49
N LEU C 422 32.86 -18.98 22.01
CA LEU C 422 33.76 -18.07 21.27
C LEU C 422 35.20 -18.58 21.20
N ASP C 423 35.90 -18.30 20.10
CA ASP C 423 37.32 -18.58 20.09
C ASP C 423 38.10 -17.41 20.69
N TYR C 424 39.43 -17.49 20.76
CA TYR C 424 40.26 -16.43 21.34
C TYR C 424 40.20 -15.08 20.61
N ALA C 425 40.22 -15.13 19.28
CA ALA C 425 40.05 -13.94 18.46
C ALA C 425 38.72 -13.27 18.82
N GLU C 426 37.64 -14.05 18.76
CA GLU C 426 36.32 -13.55 19.10
C GLU C 426 36.29 -13.04 20.53
N GLN C 427 36.91 -13.77 21.44
CA GLN C 427 36.97 -13.34 22.85
C GLN C 427 37.74 -12.03 23.00
N GLN C 428 38.78 -11.86 22.19
CA GLN C 428 39.51 -10.60 22.21
C GLN C 428 38.64 -9.47 21.67
N ARG C 429 37.93 -9.74 20.58
CA ARG C 429 37.03 -8.75 19.98
C ARG C 429 35.96 -8.32 20.99
N TRP C 430 35.40 -9.31 21.70
CA TRP C 430 34.41 -9.04 22.76
C TRP C 430 34.95 -8.19 23.91
N LEU C 431 36.18 -8.46 24.36
CA LEU C 431 36.84 -7.65 25.38
C LEU C 431 36.90 -6.19 24.91
N GLU C 432 37.41 -6.00 23.70
CA GLU C 432 37.43 -4.69 23.05
C GLU C 432 36.08 -3.98 23.07
N HIS C 433 35.05 -4.71 22.64
CA HIS C 433 33.69 -4.22 22.65
C HIS C 433 33.25 -3.76 24.05
N ARG C 434 33.47 -4.61 25.04
CA ARG C 434 33.13 -4.27 26.44
C ARG C 434 33.83 -2.97 26.89
N ARG C 435 35.13 -2.86 26.60
CA ARG C 435 35.90 -1.64 26.91
C ARG C 435 35.37 -0.38 26.24
N GLN C 436 34.96 -0.52 24.98
CA GLN C 436 34.37 0.60 24.23
C GLN C 436 33.00 1.02 24.76
N VAL C 437 32.33 0.11 25.46
CA VAL C 437 31.08 0.42 26.12
C VAL C 437 31.37 1.01 27.50
N PHE C 438 32.10 0.25 28.30
CA PHE C 438 32.45 0.63 29.66
C PHE C 438 33.71 1.50 29.70
N THR C 439 33.67 2.64 29.02
CA THR C 439 34.81 3.54 29.07
C THR C 439 34.92 4.14 30.46
N PRO C 440 36.04 4.82 30.77
CA PRO C 440 36.08 5.46 32.08
C PRO C 440 35.10 6.63 32.21
N GLU C 441 34.83 7.33 31.11
CA GLU C 441 33.91 8.46 31.05
C GLU C 441 32.44 8.02 31.24
N PHE C 442 32.11 6.87 30.66
CA PHE C 442 30.82 6.22 30.86
C PHE C 442 30.67 5.70 32.29
N LEU C 443 31.73 5.10 32.81
CA LEU C 443 31.74 4.60 34.20
C LEU C 443 31.63 5.74 35.19
N GLN C 444 32.39 6.82 34.95
CA GLN C 444 32.21 8.03 35.78
C GLN C 444 30.78 8.55 35.77
N GLY C 445 30.17 8.64 34.58
CA GLY C 445 28.79 9.13 34.44
C GLY C 445 27.78 8.27 35.21
N TYR C 446 27.97 6.96 35.14
CA TYR C 446 27.10 6.02 35.83
C TYR C 446 27.15 6.21 37.36
N ALA C 447 28.36 6.33 37.90
CA ALA C 447 28.56 6.48 39.34
C ALA C 447 27.92 7.79 39.85
N ASP C 448 28.16 8.87 39.12
CA ASP C 448 27.59 10.16 39.44
C ASP C 448 26.08 10.12 39.55
N GLU C 449 25.45 9.43 38.61
CA GLU C 449 23.99 9.29 38.59
C GLU C 449 23.51 8.54 39.82
N LEU C 450 24.13 7.39 40.09
CA LEU C 450 23.85 6.61 41.31
C LEU C 450 24.06 7.42 42.58
N GLN C 451 25.17 8.15 42.63
CA GLN C 451 25.48 9.03 43.75
C GLN C 451 24.39 10.09 43.91
N MET C 452 24.09 10.79 42.82
CA MET C 452 23.05 11.82 42.79
C MET C 452 21.75 11.27 43.34
N LEU C 453 21.43 10.04 42.95
CA LEU C 453 20.16 9.42 43.27
C LEU C 453 20.06 8.94 44.70
N VAL C 454 21.19 8.44 45.23
CA VAL C 454 21.28 7.97 46.60
C VAL C 454 21.17 9.11 47.62
N GLN C 455 21.50 10.33 47.18
CA GLN C 455 21.35 11.53 48.00
C GLN C 455 19.93 12.10 47.94
N GLN C 456 19.22 11.80 46.86
CA GLN C 456 17.84 12.22 46.72
C GLN C 456 16.91 11.34 47.56
N TYR C 457 17.20 10.05 47.58
CA TYR C 457 16.38 9.07 48.32
C TYR C 457 17.16 8.41 49.44
N ALA C 458 17.97 9.20 50.13
CA ALA C 458 18.83 8.71 51.21
C ALA C 458 18.06 8.00 52.33
N ASP C 459 16.89 8.53 52.65
CA ASP C 459 16.03 7.93 53.68
C ASP C 459 14.90 7.07 53.09
N ASP C 460 15.27 6.27 52.09
CA ASP C 460 14.35 5.31 51.48
C ASP C 460 15.08 3.97 51.37
N LYS C 461 14.84 3.11 52.36
CA LYS C 461 15.54 1.82 52.48
C LYS C 461 15.39 0.96 51.23
N GLU C 462 14.26 1.08 50.55
CA GLU C 462 14.01 0.30 49.33
C GLU C 462 14.87 0.81 48.18
N LYS C 463 14.82 2.13 47.95
CA LYS C 463 15.51 2.76 46.83
C LYS C 463 17.02 2.85 47.00
N VAL C 464 17.48 2.96 48.25
CA VAL C 464 18.92 2.93 48.58
C VAL C 464 19.50 1.54 48.27
N ALA C 465 18.78 0.49 48.63
CA ALA C 465 19.26 -0.88 48.42
C ALA C 465 19.30 -1.30 46.94
N LEU C 466 18.36 -0.76 46.15
CA LEU C 466 18.39 -0.97 44.70
C LEU C 466 19.63 -0.29 44.12
N LEU C 467 19.77 1.00 44.43
CA LEU C 467 20.94 1.77 44.01
C LEU C 467 22.24 1.06 44.32
N LYS C 468 22.31 0.49 45.52
CA LYS C 468 23.48 -0.25 45.99
C LYS C 468 23.71 -1.53 45.20
N ALA C 469 22.64 -2.28 44.91
CA ALA C 469 22.72 -3.49 44.10
C ALA C 469 23.20 -3.17 42.67
N LEU C 470 22.79 -2.01 42.16
CA LEU C 470 23.25 -1.52 40.86
C LEU C 470 24.74 -1.18 40.85
N TRP C 471 25.24 -0.68 41.98
CA TRP C 471 26.68 -0.38 42.11
C TRP C 471 27.46 -1.69 42.09
N GLN C 472 27.05 -2.63 42.95
CA GLN C 472 27.67 -3.96 43.03
C GLN C 472 27.71 -4.65 41.68
N TYR C 473 26.56 -4.67 40.99
CA TYR C 473 26.47 -5.21 39.64
C TYR C 473 27.46 -4.57 38.67
N ALA C 474 27.59 -3.25 38.70
CA ALA C 474 28.64 -2.61 37.88
C ALA C 474 30.06 -3.08 38.29
N GLU C 475 30.31 -3.27 39.59
CA GLU C 475 31.65 -3.69 40.03
C GLU C 475 31.94 -5.09 39.53
N GLU C 476 30.91 -5.93 39.59
CA GLU C 476 31.00 -7.33 39.28
C GLU C 476 31.09 -7.69 37.80
N ILE C 477 30.52 -6.88 36.91
CA ILE C 477 30.58 -7.22 35.47
C ILE C 477 31.63 -6.43 34.67
N VAL C 478 31.89 -5.19 35.03
CA VAL C 478 32.87 -4.40 34.28
C VAL C 478 34.29 -4.91 34.53
N GLN D 10 -9.69 -27.13 -5.05
CA GLN D 10 -9.81 -27.23 -6.53
C GLN D 10 -8.57 -26.71 -7.25
N GLN D 11 -8.51 -26.98 -8.55
CA GLN D 11 -7.34 -26.67 -9.39
C GLN D 11 -7.11 -25.17 -9.59
N SER D 12 -5.84 -24.83 -9.84
CA SER D 12 -5.40 -23.51 -10.21
C SER D 12 -5.32 -23.39 -11.74
N THR D 13 -5.94 -22.37 -12.33
CA THR D 13 -6.00 -22.26 -13.79
C THR D 13 -5.68 -20.87 -14.36
N PHE D 14 -5.39 -20.83 -15.66
CA PHE D 14 -5.32 -19.57 -16.43
C PHE D 14 -6.57 -19.39 -17.31
N LEU D 15 -7.11 -18.18 -17.33
CA LEU D 15 -8.13 -17.83 -18.33
C LEU D 15 -7.60 -16.77 -19.28
N PHE D 16 -7.23 -17.20 -20.48
CA PHE D 16 -6.82 -16.29 -21.55
C PHE D 16 -8.05 -15.71 -22.24
N HIS D 17 -8.10 -14.40 -22.40
CA HIS D 17 -9.22 -13.76 -23.08
C HIS D 17 -8.78 -12.65 -24.01
N ASP D 18 -9.67 -12.29 -24.92
CA ASP D 18 -9.52 -11.12 -25.75
C ASP D 18 -10.89 -10.53 -26.09
N TYR D 19 -10.94 -9.21 -26.10
CA TYR D 19 -12.15 -8.48 -26.47
C TYR D 19 -11.94 -7.84 -27.81
N GLU D 20 -12.98 -7.89 -28.65
CA GLU D 20 -13.09 -6.92 -29.73
C GLU D 20 -14.09 -5.86 -29.27
N THR D 21 -13.84 -4.59 -29.61
CA THR D 21 -14.77 -3.52 -29.25
C THR D 21 -15.19 -2.59 -30.42
N PHE D 22 -16.13 -1.70 -30.13
CA PHE D 22 -16.61 -0.73 -31.10
C PHE D 22 -15.91 0.62 -31.00
N GLY D 23 -14.91 0.70 -30.14
CA GLY D 23 -14.03 1.86 -30.06
C GLY D 23 -12.95 1.83 -29.00
N THR D 24 -12.18 2.91 -28.97
CA THR D 24 -11.08 3.06 -28.04
C THR D 24 -11.41 3.54 -26.62
N HIS D 25 -12.65 3.91 -26.32
CA HIS D 25 -12.97 4.26 -24.93
C HIS D 25 -13.58 3.09 -24.14
N PRO D 26 -12.86 2.54 -23.14
CA PRO D 26 -13.38 1.35 -22.46
C PRO D 26 -14.70 1.62 -21.72
N ALA D 27 -14.95 2.86 -21.33
CA ALA D 27 -16.17 3.19 -20.60
C ALA D 27 -17.36 3.56 -21.51
N LEU D 28 -17.06 4.28 -22.60
CA LEU D 28 -18.10 4.96 -23.37
C LEU D 28 -18.42 4.21 -24.66
N ASP D 29 -17.40 3.61 -25.26
CA ASP D 29 -17.65 2.68 -26.34
C ASP D 29 -18.20 1.39 -25.74
N ARG D 30 -18.68 0.49 -26.58
CA ARG D 30 -19.31 -0.76 -26.16
C ARG D 30 -18.56 -1.95 -26.74
N PRO D 31 -18.47 -3.04 -25.98
CA PRO D 31 -17.76 -4.20 -26.49
C PRO D 31 -18.48 -4.86 -27.67
N ALA D 32 -17.70 -5.46 -28.56
CA ALA D 32 -18.26 -6.12 -29.73
C ALA D 32 -18.26 -7.65 -29.56
N GLN D 33 -17.13 -8.19 -29.09
CA GLN D 33 -16.93 -9.64 -28.98
C GLN D 33 -15.99 -10.01 -27.83
N PHE D 34 -16.19 -11.20 -27.27
CA PHE D 34 -15.34 -11.79 -26.20
C PHE D 34 -14.96 -13.23 -26.53
N ALA D 35 -13.66 -13.52 -26.55
CA ALA D 35 -13.14 -14.89 -26.64
C ALA D 35 -12.30 -15.27 -25.41
N ALA D 36 -12.54 -16.47 -24.89
CA ALA D 36 -11.73 -17.02 -23.81
C ALA D 36 -11.48 -18.52 -23.92
N ILE D 37 -10.33 -18.94 -23.42
CA ILE D 37 -9.95 -20.35 -23.30
C ILE D 37 -9.31 -20.57 -21.93
N ARG D 38 -9.76 -21.60 -21.21
CA ARG D 38 -9.12 -21.95 -19.95
C ARG D 38 -8.10 -23.07 -20.11
N THR D 39 -6.89 -22.85 -19.59
CA THR D 39 -5.89 -23.90 -19.50
C THR D 39 -5.58 -24.25 -18.06
N ASP D 40 -4.74 -25.27 -17.88
CA ASP D 40 -4.10 -25.55 -16.60
C ASP D 40 -2.76 -24.84 -16.58
N SER D 41 -2.03 -24.94 -15.47
CA SER D 41 -0.75 -24.24 -15.33
C SER D 41 0.30 -24.65 -16.37
N GLU D 42 0.07 -25.79 -17.03
CA GLU D 42 1.01 -26.27 -18.04
C GLU D 42 0.58 -25.80 -19.43
N PHE D 43 -0.53 -25.06 -19.47
CA PHE D 43 -1.13 -24.47 -20.67
C PHE D 43 -1.83 -25.48 -21.59
N ASN D 44 -2.25 -26.60 -21.02
CA ASN D 44 -3.14 -27.53 -21.72
C ASN D 44 -4.52 -26.95 -21.57
N VAL D 45 -5.24 -26.86 -22.69
CA VAL D 45 -6.61 -26.38 -22.72
C VAL D 45 -7.51 -27.27 -21.85
N ILE D 46 -8.41 -26.65 -21.10
CA ILE D 46 -9.45 -27.35 -20.35
C ILE D 46 -10.81 -26.88 -20.85
N GLY D 47 -11.62 -27.82 -21.33
CA GLY D 47 -12.96 -27.49 -21.82
C GLY D 47 -12.94 -26.80 -23.17
N GLU D 48 -14.10 -26.31 -23.58
CA GLU D 48 -14.25 -25.74 -24.92
C GLU D 48 -13.91 -24.26 -24.94
N PRO D 49 -13.39 -23.77 -26.08
CA PRO D 49 -13.31 -22.35 -26.44
C PRO D 49 -14.63 -21.62 -26.19
N GLU D 50 -14.55 -20.31 -25.92
CA GLU D 50 -15.75 -19.51 -25.73
C GLU D 50 -15.66 -18.20 -26.51
N VAL D 51 -16.41 -18.11 -27.61
CA VAL D 51 -16.59 -16.88 -28.37
C VAL D 51 -18.03 -16.46 -28.22
N PHE D 52 -18.25 -15.21 -27.86
CA PHE D 52 -19.60 -14.67 -27.90
C PHE D 52 -19.66 -13.16 -28.11
N TYR D 53 -20.85 -12.68 -28.48
CA TYR D 53 -21.04 -11.33 -28.97
C TYR D 53 -21.94 -10.50 -28.06
N CYS D 54 -21.80 -9.20 -28.16
CA CYS D 54 -22.60 -8.32 -27.33
C CYS D 54 -23.47 -7.40 -28.19
N LYS D 55 -24.78 -7.57 -28.06
CA LYS D 55 -25.77 -6.71 -28.72
C LYS D 55 -25.56 -5.29 -28.24
N PRO D 56 -25.31 -4.36 -29.18
CA PRO D 56 -25.15 -2.96 -28.80
C PRO D 56 -26.51 -2.31 -28.70
N ALA D 57 -26.77 -1.66 -27.56
CA ALA D 57 -27.99 -0.94 -27.30
C ALA D 57 -28.16 0.18 -28.34
N ASP D 58 -29.40 0.61 -28.54
CA ASP D 58 -29.72 1.58 -29.58
C ASP D 58 -29.48 3.02 -29.14
N ASP D 59 -28.69 3.24 -28.08
CA ASP D 59 -28.30 4.60 -27.74
C ASP D 59 -26.85 4.84 -28.16
N TYR D 60 -26.37 4.04 -29.11
CA TYR D 60 -24.94 4.00 -29.39
C TYR D 60 -24.60 3.77 -30.86
N LEU D 61 -23.55 4.42 -31.31
CA LEU D 61 -22.99 4.15 -32.63
C LEU D 61 -21.50 3.87 -32.48
N PRO D 62 -21.01 2.84 -33.16
CA PRO D 62 -19.60 2.49 -33.06
C PRO D 62 -18.71 3.53 -33.74
N GLN D 63 -17.48 3.68 -33.25
CA GLN D 63 -16.41 4.36 -34.00
C GLN D 63 -16.17 3.61 -35.31
N PRO D 64 -16.13 4.32 -36.45
CA PRO D 64 -16.00 3.60 -37.73
C PRO D 64 -14.62 3.00 -37.95
N GLY D 65 -13.59 3.66 -37.42
CA GLY D 65 -12.23 3.14 -37.40
C GLY D 65 -12.18 1.78 -36.74
N ALA D 66 -12.88 1.63 -35.62
CA ALA D 66 -12.94 0.35 -34.91
C ALA D 66 -13.52 -0.73 -35.81
N VAL D 67 -14.66 -0.42 -36.43
CA VAL D 67 -15.40 -1.36 -37.26
C VAL D 67 -14.56 -1.83 -38.44
N LEU D 68 -13.84 -0.90 -39.05
CA LEU D 68 -12.86 -1.23 -40.08
C LEU D 68 -11.74 -2.14 -39.57
N ILE D 69 -11.38 -2.00 -38.29
CA ILE D 69 -10.33 -2.83 -37.68
C ILE D 69 -10.84 -4.23 -37.34
N THR D 70 -12.03 -4.31 -36.76
CA THR D 70 -12.55 -5.60 -36.28
C THR D 70 -13.31 -6.40 -37.33
N GLY D 71 -14.01 -5.71 -38.23
CA GLY D 71 -14.82 -6.36 -39.23
C GLY D 71 -16.19 -6.75 -38.71
N ILE D 72 -16.51 -6.27 -37.51
CA ILE D 72 -17.78 -6.54 -36.85
C ILE D 72 -18.62 -5.27 -36.89
N THR D 73 -19.76 -5.38 -37.56
CA THR D 73 -20.71 -4.29 -37.67
C THR D 73 -21.61 -4.38 -36.47
N PRO D 74 -22.33 -3.28 -36.15
CA PRO D 74 -23.33 -3.41 -35.09
C PRO D 74 -24.42 -4.43 -35.45
N GLN D 75 -24.69 -4.59 -36.74
CA GLN D 75 -25.74 -5.49 -37.23
C GLN D 75 -25.39 -6.96 -36.91
N GLU D 76 -24.17 -7.34 -37.26
CA GLU D 76 -23.62 -8.66 -36.95
C GLU D 76 -23.66 -8.98 -35.44
N ALA D 77 -23.22 -8.04 -34.61
CA ALA D 77 -23.24 -8.23 -33.16
C ALA D 77 -24.67 -8.21 -32.61
N ARG D 78 -25.53 -7.44 -33.25
CA ARG D 78 -26.97 -7.47 -32.95
C ARG D 78 -27.58 -8.84 -33.25
N ALA D 79 -27.29 -9.37 -34.43
CA ALA D 79 -27.79 -10.68 -34.87
C ALA D 79 -27.21 -11.85 -34.05
N LYS D 80 -25.91 -11.79 -33.72
CA LYS D 80 -25.21 -12.93 -33.15
C LYS D 80 -25.14 -13.00 -31.62
N GLY D 81 -25.31 -11.86 -30.97
CA GLY D 81 -24.99 -11.76 -29.55
C GLY D 81 -26.20 -11.63 -28.66
N GLU D 82 -25.94 -11.35 -27.40
CA GLU D 82 -26.98 -11.13 -26.40
C GLU D 82 -26.81 -9.71 -25.86
N ASN D 83 -27.76 -9.26 -25.05
CA ASN D 83 -27.62 -7.94 -24.43
C ASN D 83 -26.42 -7.87 -23.47
N GLU D 84 -26.07 -6.66 -23.02
CA GLU D 84 -24.88 -6.46 -22.22
C GLU D 84 -24.94 -7.17 -20.86
N ALA D 85 -26.11 -7.15 -20.22
CA ALA D 85 -26.31 -7.82 -18.93
C ALA D 85 -25.82 -9.26 -19.00
N ALA D 86 -26.30 -9.95 -20.03
CA ALA D 86 -26.06 -11.35 -20.27
C ALA D 86 -24.62 -11.56 -20.70
N PHE D 87 -24.10 -10.62 -21.49
CA PHE D 87 -22.69 -10.59 -21.85
C PHE D 87 -21.86 -10.52 -20.56
N ALA D 88 -22.23 -9.61 -19.66
CA ALA D 88 -21.55 -9.40 -18.39
C ALA D 88 -21.72 -10.59 -17.44
N ALA D 89 -22.94 -11.13 -17.35
CA ALA D 89 -23.20 -12.29 -16.53
C ALA D 89 -22.26 -13.44 -16.89
N ARG D 90 -22.20 -13.74 -18.18
CA ARG D 90 -21.33 -14.79 -18.70
C ARG D 90 -19.85 -14.54 -18.39
N ILE D 91 -19.34 -13.35 -18.72
CA ILE D 91 -17.94 -13.02 -18.43
C ILE D 91 -17.60 -13.07 -16.93
N HIS D 92 -18.47 -12.54 -16.09
CA HIS D 92 -18.33 -12.61 -14.64
C HIS D 92 -18.24 -14.06 -14.19
N SER D 93 -18.98 -14.93 -14.88
CA SER D 93 -19.03 -16.33 -14.49
C SER D 93 -17.64 -16.92 -14.63
N LEU D 94 -17.08 -16.84 -15.84
CA LEU D 94 -15.73 -17.36 -16.13
C LEU D 94 -14.65 -16.78 -15.22
N PHE D 95 -14.73 -15.45 -15.01
CA PHE D 95 -13.73 -14.65 -14.33
C PHE D 95 -13.64 -14.91 -12.84
N THR D 96 -14.75 -15.31 -12.22
CA THR D 96 -14.79 -15.55 -10.78
C THR D 96 -14.73 -17.03 -10.39
N VAL D 97 -14.41 -17.90 -11.35
CA VAL D 97 -14.06 -19.29 -11.01
C VAL D 97 -12.82 -19.17 -10.14
N PRO D 98 -12.87 -19.77 -8.93
CA PRO D 98 -11.78 -19.70 -7.94
C PRO D 98 -10.39 -20.10 -8.47
N LYS D 99 -9.38 -19.44 -7.95
CA LYS D 99 -7.97 -19.70 -8.30
C LYS D 99 -7.71 -19.54 -9.79
N THR D 100 -8.27 -18.49 -10.37
CA THR D 100 -8.10 -18.21 -11.80
C THR D 100 -7.16 -17.03 -11.99
N CYS D 101 -6.14 -17.19 -12.80
CA CYS D 101 -5.39 -16.04 -13.25
C CYS D 101 -5.96 -15.62 -14.62
N ILE D 102 -6.61 -14.46 -14.66
CA ILE D 102 -7.24 -13.97 -15.88
C ILE D 102 -6.16 -13.22 -16.67
N LEU D 103 -5.98 -13.54 -17.94
CA LEU D 103 -4.91 -12.86 -18.68
C LEU D 103 -5.15 -12.73 -20.17
N GLY D 104 -4.33 -11.89 -20.80
CA GLY D 104 -4.32 -11.69 -22.23
C GLY D 104 -3.05 -10.98 -22.66
N TYR D 105 -3.12 -10.29 -23.79
CA TYR D 105 -1.98 -9.60 -24.39
C TYR D 105 -2.32 -8.12 -24.47
N ASN D 106 -1.69 -7.33 -23.60
CA ASN D 106 -1.97 -5.89 -23.41
C ASN D 106 -3.28 -5.58 -22.69
N ASN D 107 -3.88 -6.60 -22.07
CA ASN D 107 -5.17 -6.45 -21.39
C ASN D 107 -5.21 -5.46 -20.23
N VAL D 108 -4.10 -5.33 -19.50
CA VAL D 108 -4.03 -4.37 -18.38
C VAL D 108 -4.17 -2.94 -18.87
N ARG D 109 -3.72 -2.67 -20.09
CA ARG D 109 -3.86 -1.33 -20.71
C ARG D 109 -5.14 -1.09 -21.53
N PHE D 110 -6.02 -2.11 -21.65
CA PHE D 110 -7.31 -1.96 -22.35
C PHE D 110 -8.42 -2.94 -21.93
N ASP D 111 -8.26 -4.22 -22.22
CA ASP D 111 -9.32 -5.22 -21.90
C ASP D 111 -9.81 -5.22 -20.45
N ASP D 112 -8.93 -5.02 -19.48
CA ASP D 112 -9.37 -5.04 -18.07
C ASP D 112 -10.23 -3.82 -17.73
N GLU D 113 -9.94 -2.72 -18.43
CA GLU D 113 -10.70 -1.48 -18.32
C GLU D 113 -12.08 -1.72 -18.89
N VAL D 114 -12.16 -2.38 -20.04
CA VAL D 114 -13.45 -2.76 -20.58
C VAL D 114 -14.20 -3.60 -19.54
N THR D 115 -13.51 -4.60 -19.00
CA THR D 115 -14.11 -5.54 -18.04
C THR D 115 -14.60 -4.79 -16.84
N ARG D 116 -13.75 -3.92 -16.28
CA ARG D 116 -14.18 -3.13 -15.11
C ARG D 116 -15.46 -2.39 -15.42
N ASN D 117 -15.55 -1.86 -16.64
CA ASN D 117 -16.74 -1.12 -17.06
C ASN D 117 -17.98 -1.97 -17.39
N ILE D 118 -17.81 -3.10 -18.08
CA ILE D 118 -18.97 -4.00 -18.25
C ILE D 118 -19.55 -4.37 -16.88
N PHE D 119 -18.70 -4.79 -15.94
CA PHE D 119 -19.18 -5.21 -14.62
C PHE D 119 -19.90 -4.08 -13.89
N TYR D 120 -19.33 -2.88 -13.98
CA TYR D 120 -19.87 -1.71 -13.29
C TYR D 120 -21.21 -1.26 -13.86
N ARG D 121 -21.37 -1.32 -15.18
CA ARG D 121 -22.66 -0.98 -15.82
C ARG D 121 -23.75 -2.00 -15.50
N ASN D 122 -23.37 -3.22 -15.10
CA ASN D 122 -24.33 -4.33 -14.99
C ASN D 122 -24.41 -4.94 -13.61
N PHE D 123 -24.10 -4.10 -12.62
CA PHE D 123 -24.21 -4.40 -11.23
C PHE D 123 -23.31 -5.54 -10.69
N TYR D 124 -22.13 -5.72 -11.29
CA TYR D 124 -21.10 -6.60 -10.73
C TYR D 124 -19.91 -5.78 -10.19
N ASP D 125 -19.21 -6.31 -9.18
CA ASP D 125 -17.99 -5.70 -8.69
C ASP D 125 -16.94 -5.57 -9.83
N PRO D 126 -16.35 -4.37 -10.02
CA PRO D 126 -15.42 -4.11 -11.14
C PRO D 126 -14.05 -4.76 -10.98
N TYR D 127 -13.77 -5.30 -9.80
CA TYR D 127 -12.41 -5.64 -9.37
C TYR D 127 -12.21 -7.09 -8.87
N ALA D 128 -13.20 -7.58 -8.13
CA ALA D 128 -13.08 -8.79 -7.33
C ALA D 128 -12.65 -9.99 -8.17
N TRP D 129 -13.03 -9.96 -9.43
CA TRP D 129 -12.63 -10.99 -10.39
C TRP D 129 -11.11 -11.12 -10.40
N SER D 130 -10.40 -10.05 -10.00
CA SER D 130 -8.94 -10.03 -10.10
C SER D 130 -8.19 -10.19 -8.75
N TRP D 131 -8.92 -10.37 -7.65
CA TRP D 131 -8.28 -10.60 -6.36
C TRP D 131 -8.96 -11.65 -5.45
N GLN D 132 -10.23 -11.93 -5.69
CA GLN D 132 -11.01 -12.76 -4.76
C GLN D 132 -10.83 -14.23 -5.06
N HIS D 133 -10.87 -15.05 -4.01
CA HIS D 133 -10.81 -16.51 -4.14
C HIS D 133 -9.49 -16.93 -4.77
N ASP D 134 -8.42 -16.22 -4.41
CA ASP D 134 -7.06 -16.42 -4.94
C ASP D 134 -6.91 -16.09 -6.42
N ASN D 135 -7.89 -15.38 -6.98
CA ASN D 135 -7.79 -14.92 -8.37
C ASN D 135 -6.79 -13.79 -8.48
N SER D 136 -6.30 -13.59 -9.71
CA SER D 136 -5.32 -12.56 -10.01
C SER D 136 -5.46 -12.20 -11.48
N ARG D 137 -4.84 -11.09 -11.89
CA ARG D 137 -4.68 -10.77 -13.30
C ARG D 137 -3.21 -10.75 -13.67
N TRP D 138 -2.94 -10.93 -14.95
CA TRP D 138 -1.59 -10.85 -15.49
C TRP D 138 -1.71 -10.37 -16.95
N ASP D 139 -0.56 -10.17 -17.62
CA ASP D 139 -0.50 -9.56 -18.93
C ASP D 139 0.80 -10.01 -19.58
N LEU D 140 0.70 -10.66 -20.73
CA LEU D 140 1.88 -11.25 -21.38
C LEU D 140 2.67 -10.33 -22.31
N LEU D 141 2.16 -9.13 -22.62
CA LEU D 141 2.94 -8.24 -23.49
C LEU D 141 4.30 -7.93 -22.89
N ASP D 142 4.31 -7.46 -21.64
CA ASP D 142 5.56 -7.08 -20.99
C ASP D 142 6.45 -8.29 -20.66
N VAL D 143 5.85 -9.45 -20.44
CA VAL D 143 6.60 -10.70 -20.30
C VAL D 143 7.45 -10.94 -21.56
N MET D 144 6.84 -10.77 -22.74
CA MET D 144 7.55 -10.86 -24.03
C MET D 144 8.66 -9.83 -24.19
N ARG D 145 8.38 -8.61 -23.74
CA ARG D 145 9.35 -7.53 -23.76
C ARG D 145 10.50 -7.78 -22.80
N ALA D 146 10.19 -8.38 -21.66
CA ALA D 146 11.22 -8.68 -20.69
C ALA D 146 12.04 -9.86 -21.20
N CYS D 147 11.38 -10.85 -21.80
CA CYS D 147 12.12 -12.01 -22.27
C CYS D 147 13.15 -11.61 -23.32
N TYR D 148 12.74 -10.81 -24.29
CA TYR D 148 13.65 -10.24 -25.29
C TYR D 148 14.78 -9.47 -24.62
N ALA D 149 14.40 -8.54 -23.75
CA ALA D 149 15.35 -7.61 -23.14
C ALA D 149 16.34 -8.28 -22.22
N LEU D 150 15.89 -9.33 -21.51
CA LEU D 150 16.65 -9.90 -20.39
C LEU D 150 17.21 -11.29 -20.60
N ARG D 151 16.40 -12.22 -21.09
CA ARG D 151 16.84 -13.59 -21.36
C ARG D 151 16.35 -14.05 -22.74
N PRO D 152 16.94 -13.49 -23.83
CA PRO D 152 16.40 -13.71 -25.17
C PRO D 152 16.62 -15.10 -25.79
N GLU D 153 17.62 -15.85 -25.31
CA GLU D 153 17.99 -17.13 -25.93
C GLU D 153 16.85 -18.15 -26.08
N GLY D 154 16.76 -18.75 -27.25
CA GLY D 154 15.86 -19.90 -27.50
C GLY D 154 14.55 -19.51 -28.14
N ILE D 155 14.42 -18.23 -28.45
CA ILE D 155 13.22 -17.69 -29.09
C ILE D 155 13.70 -16.75 -30.17
N ASN D 156 12.99 -16.74 -31.29
CA ASN D 156 13.28 -15.82 -32.39
C ASN D 156 12.52 -14.52 -32.28
N TRP D 157 13.27 -13.44 -32.32
CA TRP D 157 12.75 -12.11 -32.10
C TRP D 157 12.64 -11.36 -33.43
N PRO D 158 11.43 -11.32 -34.00
CA PRO D 158 11.17 -10.70 -35.29
C PRO D 158 11.44 -9.21 -35.28
N GLU D 159 11.92 -8.68 -36.40
CA GLU D 159 12.16 -7.26 -36.52
C GLU D 159 11.19 -6.57 -37.46
N ASN D 160 11.24 -5.24 -37.45
CA ASN D 160 10.50 -4.40 -38.38
C ASN D 160 11.45 -3.78 -39.38
N ASP D 161 10.92 -2.94 -40.26
CA ASP D 161 11.70 -2.19 -41.24
C ASP D 161 12.68 -1.24 -40.53
N ASP D 162 12.23 -0.68 -39.41
CA ASP D 162 13.04 0.25 -38.61
C ASP D 162 14.25 -0.40 -37.93
N GLY D 163 14.41 -1.71 -38.11
CA GLY D 163 15.49 -2.48 -37.47
C GLY D 163 15.22 -2.82 -36.02
N LEU D 164 14.03 -2.48 -35.54
CA LEU D 164 13.63 -2.68 -34.15
C LEU D 164 12.89 -4.01 -33.99
N PRO D 165 12.90 -4.59 -32.76
CA PRO D 165 12.13 -5.79 -32.45
C PRO D 165 10.61 -5.55 -32.41
N SER D 166 9.87 -6.41 -33.11
CA SER D 166 8.41 -6.37 -33.08
C SER D 166 7.85 -7.19 -31.91
N PHE D 167 6.72 -6.74 -31.36
CA PHE D 167 5.98 -7.49 -30.34
C PHE D 167 4.51 -7.76 -30.68
N ARG D 168 4.19 -7.71 -31.97
CA ARG D 168 2.87 -8.14 -32.43
C ARG D 168 2.79 -9.65 -32.38
N LEU D 169 1.67 -10.16 -31.86
CA LEU D 169 1.44 -11.59 -31.75
C LEU D 169 1.75 -12.33 -33.03
N GLU D 170 1.19 -11.82 -34.14
CA GLU D 170 1.30 -12.48 -35.44
C GLU D 170 2.76 -12.57 -35.87
N HIS D 171 3.52 -11.49 -35.65
CA HIS D 171 4.95 -11.50 -35.93
C HIS D 171 5.72 -12.48 -35.02
N LEU D 172 5.35 -12.52 -33.74
CA LEU D 172 6.02 -13.41 -32.78
C LEU D 172 5.79 -14.88 -33.11
N THR D 173 4.53 -15.26 -33.28
CA THR D 173 4.15 -16.63 -33.62
C THR D 173 4.78 -17.08 -34.95
N LYS D 174 4.75 -16.20 -35.95
CA LYS D 174 5.35 -16.47 -37.25
C LYS D 174 6.84 -16.77 -37.09
N ALA D 175 7.57 -15.85 -36.46
CA ALA D 175 9.02 -16.03 -36.23
C ALA D 175 9.36 -17.34 -35.50
N ASN D 176 8.38 -17.94 -34.84
CA ASN D 176 8.61 -19.16 -34.07
C ASN D 176 7.78 -20.35 -34.54
N GLY D 177 7.45 -20.33 -35.82
CA GLY D 177 6.76 -21.44 -36.48
C GLY D 177 5.50 -21.92 -35.79
N ILE D 178 4.62 -20.99 -35.42
CA ILE D 178 3.35 -21.36 -34.79
C ILE D 178 2.14 -20.97 -35.64
N GLU D 179 1.24 -21.93 -35.84
CA GLU D 179 0.03 -21.79 -36.65
C GLU D 179 -0.57 -20.38 -36.64
N HIS D 180 -0.19 -19.58 -37.64
CA HIS D 180 -0.62 -18.18 -37.76
C HIS D 180 -2.09 -18.09 -38.18
N ASP D 185 -8.75 -11.12 -34.85
CA ASP D 185 -9.76 -12.08 -34.46
C ASP D 185 -9.56 -12.48 -33.00
N ALA D 186 -10.56 -12.20 -32.15
CA ALA D 186 -10.47 -12.46 -30.71
C ALA D 186 -9.94 -13.86 -30.35
N MET D 187 -10.58 -14.90 -30.91
CA MET D 187 -10.18 -16.29 -30.62
C MET D 187 -8.77 -16.63 -31.10
N ALA D 188 -8.39 -16.05 -32.24
CA ALA D 188 -7.07 -16.26 -32.83
C ALA D 188 -5.94 -15.64 -32.01
N ASP D 189 -6.18 -14.44 -31.46
CA ASP D 189 -5.22 -13.79 -30.58
C ASP D 189 -5.05 -14.61 -29.29
N VAL D 190 -6.15 -15.18 -28.81
CA VAL D 190 -6.16 -15.94 -27.58
C VAL D 190 -5.30 -17.19 -27.76
N TYR D 191 -5.44 -17.87 -28.90
CA TYR D 191 -4.55 -18.99 -29.20
C TYR D 191 -3.10 -18.55 -29.27
N ALA D 192 -2.84 -17.36 -29.81
CA ALA D 192 -1.47 -16.89 -29.99
C ALA D 192 -0.86 -16.42 -28.66
N THR D 193 -1.71 -16.01 -27.73
CA THR D 193 -1.23 -15.58 -26.43
C THR D 193 -0.80 -16.83 -25.68
N ILE D 194 -1.61 -17.89 -25.80
CA ILE D 194 -1.27 -19.16 -25.16
C ILE D 194 0.03 -19.73 -25.72
N ALA D 195 0.17 -19.75 -27.04
CA ALA D 195 1.37 -20.33 -27.67
C ALA D 195 2.63 -19.57 -27.31
N MET D 196 2.49 -18.27 -27.05
CA MET D 196 3.64 -17.47 -26.67
C MET D 196 3.93 -17.62 -25.18
N ALA D 197 2.88 -17.79 -24.39
CA ALA D 197 3.05 -18.09 -22.96
C ALA D 197 3.82 -19.42 -22.76
N LYS D 198 3.49 -20.42 -23.59
CA LYS D 198 4.16 -21.73 -23.54
C LYS D 198 5.59 -21.64 -24.04
N LEU D 199 5.81 -20.85 -25.08
CA LEU D 199 7.14 -20.68 -25.61
C LEU D 199 8.09 -20.14 -24.54
N VAL D 200 7.71 -19.03 -23.91
CA VAL D 200 8.53 -18.37 -22.88
C VAL D 200 8.66 -19.22 -21.61
N LYS D 201 7.60 -19.92 -21.23
CA LYS D 201 7.68 -20.81 -20.07
C LYS D 201 8.68 -21.94 -20.33
N THR D 202 8.69 -22.48 -21.55
CA THR D 202 9.55 -23.60 -21.88
C THR D 202 11.00 -23.18 -22.06
N ARG D 203 11.22 -22.12 -22.85
CA ARG D 203 12.55 -21.62 -23.09
C ARG D 203 13.17 -20.97 -21.88
N GLN D 204 12.39 -20.16 -21.15
CA GLN D 204 12.93 -19.41 -20.00
C GLN D 204 12.09 -19.49 -18.72
N PRO D 205 12.00 -20.69 -18.12
CA PRO D 205 11.09 -20.92 -16.98
C PRO D 205 11.39 -20.11 -15.71
N ARG D 206 12.66 -19.82 -15.46
CA ARG D 206 13.02 -19.04 -14.26
C ARG D 206 12.52 -17.62 -14.35
N LEU D 207 12.70 -17.02 -15.54
CA LEU D 207 12.12 -15.71 -15.81
C LEU D 207 10.59 -15.73 -15.80
N PHE D 208 10.00 -16.67 -16.52
CA PHE D 208 8.54 -16.76 -16.59
C PHE D 208 7.94 -16.86 -15.19
N ASP D 209 8.53 -17.71 -14.36
CA ASP D 209 8.02 -17.93 -13.00
C ASP D 209 8.21 -16.73 -12.10
N TYR D 210 9.34 -16.03 -12.27
CA TYR D 210 9.61 -14.82 -11.51
C TYR D 210 8.56 -13.76 -11.81
N LEU D 211 8.18 -13.60 -13.08
CA LEU D 211 7.20 -12.58 -13.44
C LEU D 211 5.80 -12.97 -13.03
N PHE D 212 5.49 -14.25 -13.11
CA PHE D 212 4.22 -14.76 -12.59
C PHE D 212 4.04 -14.46 -11.10
N THR D 213 5.00 -14.85 -10.26
CA THR D 213 4.92 -14.53 -8.80
C THR D 213 4.88 -13.02 -8.49
N HIS D 214 5.42 -12.20 -9.37
CA HIS D 214 5.41 -10.74 -9.16
C HIS D 214 4.24 -9.98 -9.80
N ARG D 215 3.25 -10.68 -10.36
CA ARG D 215 2.05 -10.02 -10.88
C ARG D 215 1.29 -9.25 -9.77
N ASN D 216 1.55 -9.65 -8.53
CA ASN D 216 0.84 -9.19 -7.32
C ASN D 216 1.46 -7.89 -6.82
N LYS D 217 0.64 -6.85 -6.60
CA LYS D 217 1.16 -5.55 -6.09
C LYS D 217 1.93 -5.68 -4.76
N HIS D 218 1.52 -6.62 -3.91
CA HIS D 218 2.16 -6.82 -2.62
C HIS D 218 3.55 -7.47 -2.75
N LYS D 219 3.72 -8.35 -3.74
CA LYS D 219 5.03 -8.93 -4.00
C LYS D 219 6.00 -7.86 -4.54
N LEU D 220 5.48 -6.92 -5.34
CA LEU D 220 6.27 -5.80 -5.85
C LEU D 220 6.78 -4.84 -4.76
N MET D 221 6.01 -4.75 -3.66
CA MET D 221 6.33 -3.88 -2.54
C MET D 221 7.69 -4.17 -1.92
N ALA D 222 8.09 -5.44 -1.96
CA ALA D 222 9.37 -5.88 -1.42
C ALA D 222 10.57 -5.44 -2.27
N LEU D 223 10.31 -5.04 -3.51
CA LEU D 223 11.41 -4.60 -4.38
C LEU D 223 11.69 -3.12 -4.23
N ILE D 224 10.73 -2.38 -3.69
CA ILE D 224 10.80 -0.91 -3.67
C ILE D 224 11.35 -0.39 -2.36
N ASP D 225 12.40 0.42 -2.44
CA ASP D 225 12.92 1.15 -1.28
C ASP D 225 13.10 2.63 -1.67
N VAL D 226 12.17 3.46 -1.26
CA VAL D 226 12.21 4.86 -1.62
C VAL D 226 13.30 5.64 -0.84
N PRO D 227 13.39 5.46 0.50
CA PRO D 227 14.40 6.17 1.27
C PRO D 227 15.85 5.94 0.83
N GLN D 228 16.18 4.69 0.46
CA GLN D 228 17.52 4.36 -0.02
C GLN D 228 17.62 4.49 -1.53
N MET D 229 16.49 4.78 -2.17
CA MET D 229 16.41 5.03 -3.61
C MET D 229 17.06 3.89 -4.43
N LYS D 230 16.70 2.65 -4.09
CA LYS D 230 17.36 1.47 -4.64
C LYS D 230 16.96 1.23 -6.10
N PRO D 231 17.94 1.24 -7.01
CA PRO D 231 17.67 1.06 -8.43
C PRO D 231 17.13 -0.32 -8.74
N LEU D 232 16.27 -0.38 -9.75
CA LEU D 232 15.71 -1.64 -10.24
C LEU D 232 15.79 -1.64 -11.76
N VAL D 233 15.66 -2.83 -12.34
CA VAL D 233 15.38 -2.98 -13.75
C VAL D 233 13.87 -2.75 -13.93
N HIS D 234 13.50 -1.90 -14.87
CA HIS D 234 12.11 -1.76 -15.28
C HIS D 234 11.98 -2.02 -16.77
N VAL D 235 10.95 -2.77 -17.14
CA VAL D 235 10.64 -3.00 -18.55
C VAL D 235 9.30 -2.36 -18.85
N SER D 236 9.31 -1.40 -19.79
CA SER D 236 8.07 -0.77 -20.24
C SER D 236 8.10 -0.38 -21.71
N GLY D 237 6.93 -0.42 -22.34
CA GLY D 237 6.76 0.01 -23.71
C GLY D 237 7.06 1.49 -23.91
N MET D 238 7.00 2.24 -22.81
CA MET D 238 7.29 3.67 -22.83
C MET D 238 8.77 4.00 -23.03
N PHE D 239 9.64 3.00 -22.91
CA PHE D 239 11.06 3.21 -23.12
C PHE D 239 11.45 3.05 -24.60
N GLY D 240 10.68 2.28 -25.35
CA GLY D 240 10.89 2.17 -26.79
C GLY D 240 11.83 1.06 -27.23
N ALA D 241 11.42 0.38 -28.30
CA ALA D 241 12.20 -0.69 -28.92
C ALA D 241 13.67 -0.34 -29.17
N TRP D 242 13.94 0.88 -29.64
CA TRP D 242 15.32 1.35 -29.89
C TRP D 242 16.29 1.09 -28.73
N ARG D 243 15.73 0.83 -27.54
CA ARG D 243 16.52 0.38 -26.40
C ARG D 243 15.84 -0.80 -25.68
N GLY D 244 15.15 -1.63 -26.45
CA GLY D 244 14.51 -2.85 -25.95
C GLY D 244 13.48 -2.67 -24.83
N ASN D 245 12.89 -1.47 -24.74
CA ASN D 245 11.85 -1.18 -23.76
C ASN D 245 12.33 -1.33 -22.31
N THR D 246 13.61 -1.05 -22.09
CA THR D 246 14.27 -1.39 -20.83
C THR D 246 15.22 -0.30 -20.38
N SER D 247 15.22 -0.04 -19.08
CA SER D 247 16.16 0.91 -18.46
C SER D 247 16.38 0.54 -17.01
N TRP D 248 17.28 1.26 -16.34
CA TRP D 248 17.39 1.20 -14.88
C TRP D 248 16.64 2.39 -14.29
N VAL D 249 15.84 2.12 -13.26
CA VAL D 249 15.01 3.14 -12.63
C VAL D 249 15.28 3.22 -11.13
N ALA D 250 14.94 4.36 -10.54
CA ALA D 250 15.11 4.59 -9.12
C ALA D 250 13.82 5.21 -8.54
N PRO D 251 13.24 4.55 -7.52
CA PRO D 251 12.06 5.08 -6.84
C PRO D 251 12.40 6.43 -6.20
N LEU D 252 11.83 7.50 -6.74
CA LEU D 252 12.11 8.84 -6.25
C LEU D 252 11.17 9.20 -5.10
N ALA D 253 9.87 8.96 -5.29
CA ALA D 253 8.86 9.32 -4.30
C ALA D 253 7.53 8.59 -4.48
N TRP D 254 6.83 8.32 -3.38
CA TRP D 254 5.46 7.84 -3.51
C TRP D 254 4.61 8.95 -4.09
N HIS D 255 3.72 8.60 -5.02
CA HIS D 255 2.75 9.54 -5.54
C HIS D 255 1.91 10.13 -4.41
N PRO D 256 1.78 11.46 -4.36
CA PRO D 256 1.09 12.23 -3.34
C PRO D 256 -0.38 11.86 -3.19
N GLU D 257 -1.02 11.53 -4.29
CA GLU D 257 -2.48 11.34 -4.30
C GLU D 257 -2.92 9.97 -4.84
N ASN D 258 -1.97 9.22 -5.40
CA ASN D 258 -2.30 7.92 -5.99
C ASN D 258 -1.55 6.81 -5.25
N ARG D 259 -2.28 6.16 -4.37
CA ARG D 259 -1.78 5.08 -3.53
C ARG D 259 -1.15 3.90 -4.28
N ASN D 260 -1.59 3.67 -5.51
CA ASN D 260 -1.05 2.57 -6.33
C ASN D 260 0.18 2.94 -7.20
N ALA D 261 0.63 4.19 -7.07
CA ALA D 261 1.70 4.74 -7.94
C ALA D 261 2.95 5.18 -7.19
N VAL D 262 4.12 4.87 -7.76
CA VAL D 262 5.43 5.36 -7.29
C VAL D 262 6.06 6.20 -8.40
N ILE D 263 6.70 7.29 -8.04
CA ILE D 263 7.38 8.10 -9.07
C ILE D 263 8.81 7.61 -9.29
N MET D 264 9.12 7.23 -10.52
CA MET D 264 10.44 6.73 -10.89
C MET D 264 11.17 7.76 -11.75
N VAL D 265 12.50 7.74 -11.65
CA VAL D 265 13.36 8.47 -12.56
C VAL D 265 14.14 7.49 -13.42
N ASP D 266 14.09 7.73 -14.73
CA ASP D 266 14.84 6.94 -15.69
C ASP D 266 16.31 7.33 -15.64
N LEU D 267 17.14 6.43 -15.10
CA LEU D 267 18.57 6.72 -14.92
C LEU D 267 19.38 6.82 -16.22
N ALA D 268 18.90 6.16 -17.27
CA ALA D 268 19.54 6.19 -18.58
C ALA D 268 19.27 7.49 -19.33
N GLY D 269 18.41 8.34 -18.77
CA GLY D 269 18.01 9.58 -19.42
C GLY D 269 18.92 10.73 -19.06
N ASP D 270 18.53 11.91 -19.53
CA ASP D 270 19.25 13.15 -19.27
C ASP D 270 18.56 13.89 -18.11
N ILE D 271 19.26 14.00 -16.98
CA ILE D 271 18.67 14.54 -15.75
C ILE D 271 18.90 16.03 -15.50
N SER D 272 19.70 16.68 -16.34
CA SER D 272 19.97 18.11 -16.17
C SER D 272 18.69 18.98 -16.12
N PRO D 273 17.66 18.67 -16.94
CA PRO D 273 16.36 19.34 -16.78
C PRO D 273 15.77 19.24 -15.37
N LEU D 274 15.94 18.10 -14.70
CA LEU D 274 15.44 17.93 -13.34
C LEU D 274 16.13 18.88 -12.35
N LEU D 275 17.42 19.14 -12.62
CA LEU D 275 18.23 20.04 -11.80
C LEU D 275 18.00 21.50 -12.17
N GLU D 276 17.86 21.80 -13.45
CA GLU D 276 17.82 23.19 -13.93
C GLU D 276 16.42 23.84 -13.92
N LEU D 277 15.48 23.24 -14.64
CA LEU D 277 14.12 23.78 -14.74
C LEU D 277 13.43 23.83 -13.37
N ASP D 278 12.58 24.83 -13.18
CA ASP D 278 11.81 24.97 -11.95
C ASP D 278 10.57 24.08 -11.98
N SER D 279 9.84 24.05 -10.86
CA SER D 279 8.69 23.17 -10.68
C SER D 279 7.64 23.28 -11.80
N ASP D 280 7.25 24.50 -12.13
CA ASP D 280 6.27 24.75 -13.20
C ASP D 280 6.70 24.20 -14.56
N THR D 281 7.86 24.64 -15.03
CA THR D 281 8.34 24.28 -16.39
C THR D 281 8.71 22.80 -16.54
N LEU D 282 9.08 22.18 -15.43
CA LEU D 282 9.33 20.73 -15.40
C LEU D 282 8.04 19.96 -15.71
N ARG D 283 6.94 20.42 -15.14
CA ARG D 283 5.61 19.81 -15.34
C ARG D 283 5.07 20.02 -16.76
N GLU D 284 5.44 21.15 -17.37
CA GLU D 284 5.06 21.45 -18.75
C GLU D 284 5.70 20.46 -19.72
N ARG D 285 7.01 20.27 -19.59
CA ARG D 285 7.77 19.37 -20.47
C ARG D 285 7.42 17.89 -20.24
N LEU D 286 7.00 17.57 -19.01
CA LEU D 286 6.64 16.20 -18.65
C LEU D 286 5.39 15.76 -19.40
N TYR D 287 4.42 16.65 -19.52
CA TYR D 287 3.13 16.29 -20.12
C TYR D 287 3.01 16.60 -21.62
N THR D 288 4.12 16.97 -22.25
CA THR D 288 4.14 17.11 -23.71
C THR D 288 4.61 15.78 -24.33
N ALA D 289 4.01 15.41 -25.46
CA ALA D 289 4.34 14.14 -26.13
C ALA D 289 5.77 14.12 -26.64
N LYS D 290 6.31 12.91 -26.87
CA LYS D 290 7.70 12.75 -27.31
C LYS D 290 7.94 13.34 -28.71
N THR D 291 6.86 13.54 -29.47
CA THR D 291 6.92 14.09 -30.83
C THR D 291 6.80 15.62 -30.86
N ASP D 292 6.31 16.19 -29.76
CA ASP D 292 6.10 17.64 -29.65
C ASP D 292 7.20 18.36 -28.86
N LEU D 293 8.23 17.63 -28.43
CA LEU D 293 9.31 18.19 -27.62
C LEU D 293 10.20 19.18 -28.37
N GLY D 294 10.46 18.91 -29.65
CA GLY D 294 11.37 19.74 -30.44
C GLY D 294 12.80 19.55 -30.01
N ASP D 295 13.50 20.65 -29.75
CA ASP D 295 14.90 20.61 -29.33
C ASP D 295 15.05 20.51 -27.79
N ASN D 296 14.02 20.02 -27.13
CA ASN D 296 14.01 19.87 -25.67
C ASN D 296 14.16 18.42 -25.23
N ALA D 297 15.02 18.19 -24.24
CA ALA D 297 15.19 16.86 -23.66
C ALA D 297 13.95 16.43 -22.89
N ALA D 298 13.55 15.18 -23.06
CA ALA D 298 12.41 14.61 -22.33
C ALA D 298 12.77 14.46 -20.86
N VAL D 299 11.85 14.87 -19.99
CA VAL D 299 11.99 14.67 -18.54
C VAL D 299 12.05 13.16 -18.28
N PRO D 300 13.14 12.68 -17.67
CA PRO D 300 13.33 11.23 -17.52
C PRO D 300 12.53 10.67 -16.33
N VAL D 301 11.24 10.97 -16.30
CA VAL D 301 10.36 10.58 -15.19
C VAL D 301 9.23 9.70 -15.73
N LYS D 302 8.77 8.76 -14.90
CA LYS D 302 7.55 8.03 -15.22
C LYS D 302 6.97 7.35 -13.98
N LEU D 303 5.66 7.23 -13.98
CA LEU D 303 4.95 6.54 -12.93
C LEU D 303 5.03 5.04 -13.15
N VAL D 304 5.17 4.33 -12.04
CA VAL D 304 5.00 2.88 -12.02
C VAL D 304 3.79 2.61 -11.13
N HIS D 305 2.82 1.86 -11.66
CA HIS D 305 1.59 1.53 -10.96
C HIS D 305 1.69 0.09 -10.51
N ILE D 306 1.92 -0.12 -9.22
CA ILE D 306 2.17 -1.47 -8.74
C ILE D 306 0.99 -2.42 -8.96
N ASN D 307 -0.22 -1.87 -9.13
CA ASN D 307 -1.41 -2.69 -9.39
C ASN D 307 -1.61 -3.06 -10.87
N LYS D 308 -0.67 -2.71 -11.73
CA LYS D 308 -0.82 -2.95 -13.15
C LYS D 308 0.19 -3.94 -13.74
N CYS D 309 0.65 -4.90 -12.95
CA CYS D 309 1.65 -5.88 -13.41
C CYS D 309 2.86 -5.26 -14.15
N PRO D 310 3.44 -4.18 -13.59
CA PRO D 310 4.67 -3.68 -14.23
C PRO D 310 5.81 -4.69 -14.07
N VAL D 311 6.69 -4.80 -15.05
CA VAL D 311 7.90 -5.61 -14.90
C VAL D 311 8.93 -4.85 -14.06
N LEU D 312 9.27 -5.42 -12.90
CA LEU D 312 10.34 -4.90 -12.03
C LEU D 312 11.19 -6.05 -11.52
N ALA D 313 12.51 -5.86 -11.54
CA ALA D 313 13.48 -6.84 -10.98
C ALA D 313 14.68 -6.11 -10.38
N GLN D 314 15.38 -6.76 -9.46
CA GLN D 314 16.62 -6.19 -8.88
C GLN D 314 17.61 -5.83 -10.00
N ALA D 315 18.52 -4.88 -9.74
CA ALA D 315 19.29 -4.24 -10.80
C ALA D 315 20.22 -5.16 -11.60
N ASN D 316 20.90 -6.08 -10.91
CA ASN D 316 21.82 -7.01 -11.60
C ASN D 316 21.12 -8.09 -12.43
N THR D 317 19.80 -8.05 -12.50
CA THR D 317 19.02 -8.86 -13.44
C THR D 317 19.42 -8.52 -14.87
N LEU D 318 19.75 -7.25 -15.08
CA LEU D 318 20.30 -6.79 -16.35
C LEU D 318 21.80 -6.98 -16.24
N ARG D 319 22.26 -8.14 -16.73
CA ARG D 319 23.67 -8.47 -16.73
C ARG D 319 24.38 -7.57 -17.73
N PRO D 320 25.64 -7.17 -17.42
CA PRO D 320 26.37 -6.26 -18.31
C PRO D 320 26.35 -6.74 -19.75
N GLU D 321 26.36 -8.06 -19.95
CA GLU D 321 26.18 -8.67 -21.28
C GLU D 321 24.98 -8.06 -21.98
N ASP D 322 23.81 -8.22 -21.36
CA ASP D 322 22.52 -7.74 -21.91
C ASP D 322 22.52 -6.23 -22.12
N ALA D 323 23.16 -5.51 -21.18
CA ALA D 323 23.24 -4.05 -21.25
C ALA D 323 23.97 -3.56 -22.49
N ASP D 324 25.08 -4.22 -22.83
CA ASP D 324 25.80 -3.97 -24.08
C ASP D 324 24.87 -4.21 -25.26
N ARG D 325 24.22 -5.37 -25.26
CA ARG D 325 23.30 -5.78 -26.32
C ARG D 325 22.13 -4.81 -26.54
N LEU D 326 21.69 -4.18 -25.45
CA LEU D 326 20.58 -3.25 -25.53
C LEU D 326 21.06 -1.81 -25.72
N GLY D 327 22.37 -1.62 -25.61
CA GLY D 327 22.97 -0.30 -25.73
C GLY D 327 22.49 0.60 -24.61
N ILE D 328 22.65 0.14 -23.37
CA ILE D 328 22.33 0.94 -22.19
C ILE D 328 23.62 1.13 -21.41
N ASN D 329 23.98 2.39 -21.16
CA ASN D 329 25.22 2.70 -20.47
C ASN D 329 25.06 2.62 -18.94
N ARG D 330 25.67 1.59 -18.37
CA ARG D 330 25.59 1.31 -16.95
C ARG D 330 26.16 2.46 -16.09
N GLN D 331 27.27 3.04 -16.55
CA GLN D 331 27.95 4.12 -15.82
C GLN D 331 27.12 5.39 -15.69
N HIS D 332 26.54 5.83 -16.81
CA HIS D 332 25.67 7.00 -16.85
C HIS D 332 24.52 6.83 -15.84
N CYS D 333 24.05 5.60 -15.70
CA CYS D 333 22.97 5.28 -14.76
C CYS D 333 23.47 5.36 -13.32
N LEU D 334 24.65 4.80 -13.07
CA LEU D 334 25.31 4.90 -11.78
C LEU D 334 25.57 6.34 -11.37
N ASP D 335 26.02 7.14 -12.34
CA ASP D 335 26.35 8.54 -12.08
C ASP D 335 25.13 9.40 -11.76
N ASN D 336 24.07 9.25 -12.56
CA ASN D 336 22.79 9.92 -12.29
C ASN D 336 22.22 9.57 -10.92
N LEU D 337 22.34 8.30 -10.54
CA LEU D 337 21.87 7.80 -9.25
C LEU D 337 22.52 8.56 -8.09
N LYS D 338 23.83 8.79 -8.20
CA LYS D 338 24.59 9.51 -7.20
C LYS D 338 24.15 10.97 -7.11
N ILE D 339 23.91 11.59 -8.27
CA ILE D 339 23.43 12.98 -8.33
C ILE D 339 22.06 13.10 -7.67
N LEU D 340 21.19 12.11 -7.91
CA LEU D 340 19.84 12.11 -7.33
C LEU D 340 19.83 11.88 -5.83
N ARG D 341 20.80 11.10 -5.35
CA ARG D 341 20.92 10.83 -3.92
C ARG D 341 21.45 12.05 -3.15
N GLU D 342 22.20 12.90 -3.84
CA GLU D 342 22.81 14.08 -3.22
C GLU D 342 21.94 15.33 -3.38
N ASN D 343 20.87 15.21 -4.16
CA ASN D 343 20.04 16.36 -4.50
C ASN D 343 18.57 16.21 -4.13
N PRO D 344 18.21 16.56 -2.89
CA PRO D 344 16.84 16.47 -2.37
C PRO D 344 15.82 17.35 -3.09
N GLN D 345 16.28 18.46 -3.67
CA GLN D 345 15.40 19.42 -4.32
C GLN D 345 14.75 18.87 -5.59
N VAL D 346 15.40 17.87 -6.19
CA VAL D 346 14.83 17.13 -7.30
C VAL D 346 13.51 16.45 -6.89
N ARG D 347 13.58 15.62 -5.86
CA ARG D 347 12.41 14.94 -5.33
C ARG D 347 11.33 15.96 -4.97
N GLU D 348 11.75 17.02 -4.29
CA GLU D 348 10.87 18.09 -3.82
C GLU D 348 10.07 18.72 -4.94
N LYS D 349 10.73 19.02 -6.07
CA LYS D 349 10.04 19.58 -7.22
C LYS D 349 9.12 18.55 -7.87
N VAL D 350 9.58 17.31 -7.94
CA VAL D 350 8.85 16.25 -8.65
C VAL D 350 7.59 15.78 -7.93
N VAL D 351 7.64 15.63 -6.61
CA VAL D 351 6.39 15.38 -5.88
C VAL D 351 5.42 16.54 -6.12
N ALA D 352 5.97 17.76 -6.18
CA ALA D 352 5.18 18.97 -6.39
C ALA D 352 4.41 18.92 -7.70
N ILE D 353 5.06 18.43 -8.75
CA ILE D 353 4.42 18.22 -10.04
C ILE D 353 3.15 17.37 -9.92
N PHE D 354 3.28 16.23 -9.23
CA PHE D 354 2.18 15.27 -9.13
C PHE D 354 1.21 15.62 -8.02
N ALA D 355 1.44 16.75 -7.35
CA ALA D 355 0.57 17.24 -6.27
C ALA D 355 -0.43 18.32 -6.71
N GLU D 356 -0.34 18.75 -7.96
CA GLU D 356 -1.20 19.81 -8.48
C GLU D 356 -2.67 19.39 -8.59
N ALA D 357 -3.56 20.37 -8.49
CA ALA D 357 -4.98 20.16 -8.78
C ALA D 357 -5.12 19.58 -10.19
N GLU D 358 -5.82 18.45 -10.29
CA GLU D 358 -5.94 17.72 -11.56
C GLU D 358 -6.72 18.55 -12.60
N PRO D 359 -6.23 18.57 -13.85
CA PRO D 359 -6.82 19.41 -14.91
C PRO D 359 -8.17 18.93 -15.48
N PHE D 360 -8.50 17.66 -15.27
CA PHE D 360 -9.67 17.04 -15.90
C PHE D 360 -10.97 17.33 -15.14
N THR D 361 -11.89 18.02 -15.80
CA THR D 361 -13.21 18.31 -15.22
C THR D 361 -14.06 17.03 -15.12
N PRO D 362 -14.83 16.87 -14.04
CA PRO D 362 -15.62 15.65 -13.85
C PRO D 362 -16.72 15.48 -14.90
N SER D 363 -16.96 14.24 -15.30
CA SER D 363 -18.05 13.94 -16.21
C SER D 363 -19.37 13.78 -15.46
N ASP D 364 -20.46 14.07 -16.16
CA ASP D 364 -21.79 13.95 -15.59
C ASP D 364 -22.46 12.68 -16.13
N ASN D 365 -21.77 12.03 -17.04
CA ASN D 365 -22.21 10.77 -17.61
C ASN D 365 -21.86 9.69 -16.60
N VAL D 366 -22.86 9.04 -16.03
CA VAL D 366 -22.62 7.99 -15.04
C VAL D 366 -21.78 6.85 -15.62
N ASP D 367 -21.88 6.62 -16.93
CA ASP D 367 -21.02 5.62 -17.59
C ASP D 367 -19.55 5.91 -17.36
N ALA D 368 -19.21 7.17 -17.13
CA ALA D 368 -17.82 7.60 -16.97
C ALA D 368 -17.39 7.65 -15.51
N GLN D 369 -18.27 7.26 -14.60
CA GLN D 369 -18.05 7.58 -13.18
C GLN D 369 -17.58 6.44 -12.27
N LEU D 370 -17.14 5.34 -12.88
CA LEU D 370 -16.65 4.18 -12.14
C LEU D 370 -15.66 4.54 -11.04
N TYR D 371 -14.65 5.34 -11.40
CA TYR D 371 -13.59 5.70 -10.46
C TYR D 371 -13.97 6.79 -9.46
N ASN D 372 -15.26 7.10 -9.36
CA ASN D 372 -15.71 8.07 -8.35
C ASN D 372 -15.72 7.52 -6.93
N GLY D 373 -15.52 6.21 -6.77
CA GLY D 373 -15.48 5.58 -5.45
C GLY D 373 -16.11 4.20 -5.39
N PHE D 374 -15.76 3.43 -4.35
CA PHE D 374 -16.32 2.09 -4.15
C PHE D 374 -17.77 2.17 -3.65
N PHE D 375 -18.58 1.16 -3.94
CA PHE D 375 -19.93 1.12 -3.40
C PHE D 375 -19.92 0.59 -1.96
N SER D 376 -20.86 1.07 -1.17
CA SER D 376 -21.03 0.56 0.20
C SER D 376 -21.52 -0.88 0.24
N ASP D 377 -21.55 -1.44 1.44
CA ASP D 377 -22.12 -2.76 1.72
C ASP D 377 -23.62 -2.83 1.49
N ALA D 378 -24.34 -1.76 1.87
CA ALA D 378 -25.78 -1.66 1.63
C ALA D 378 -26.05 -1.64 0.14
N ASP D 379 -25.29 -0.84 -0.61
CA ASP D 379 -25.45 -0.77 -2.05
C ASP D 379 -25.07 -2.06 -2.77
N ARG D 380 -24.09 -2.78 -2.23
CA ARG D 380 -23.73 -4.08 -2.78
C ARG D 380 -24.84 -5.13 -2.62
N ALA D 381 -25.53 -5.13 -1.49
CA ALA D 381 -26.67 -6.02 -1.25
C ALA D 381 -27.81 -5.69 -2.20
N ALA D 382 -28.10 -4.40 -2.34
CA ALA D 382 -29.10 -3.88 -3.27
C ALA D 382 -28.81 -4.30 -4.71
N MET D 383 -27.55 -4.33 -5.09
CA MET D 383 -27.17 -4.76 -6.41
C MET D 383 -27.40 -6.25 -6.59
N LYS D 384 -27.23 -7.03 -5.52
CA LYS D 384 -27.47 -8.47 -5.62
C LYS D 384 -28.95 -8.73 -5.82
N ILE D 385 -29.77 -7.94 -5.11
CA ILE D 385 -31.21 -8.01 -5.26
C ILE D 385 -31.62 -7.67 -6.69
N VAL D 386 -31.01 -6.61 -7.25
CA VAL D 386 -31.24 -6.25 -8.64
C VAL D 386 -31.01 -7.42 -9.59
N LEU D 387 -29.89 -8.13 -9.43
CA LEU D 387 -29.51 -9.20 -10.36
C LEU D 387 -30.44 -10.41 -10.24
N GLU D 388 -31.09 -10.54 -9.09
CA GLU D 388 -32.00 -11.67 -8.86
C GLU D 388 -33.43 -11.39 -9.25
N THR D 389 -33.78 -10.11 -9.36
CA THR D 389 -35.14 -9.66 -9.68
C THR D 389 -35.44 -9.83 -11.17
N GLU D 390 -36.69 -10.15 -11.48
CA GLU D 390 -37.16 -10.19 -12.85
C GLU D 390 -37.19 -8.74 -13.36
N PRO D 391 -36.54 -8.45 -14.50
CA PRO D 391 -36.43 -7.04 -14.93
C PRO D 391 -37.71 -6.17 -14.76
N ARG D 392 -38.87 -6.75 -15.01
CA ARG D 392 -40.16 -6.04 -14.87
C ARG D 392 -40.55 -5.73 -13.43
N ASN D 393 -40.06 -6.53 -12.48
CA ASN D 393 -40.36 -6.32 -11.06
C ASN D 393 -39.40 -5.36 -10.35
N LEU D 394 -38.38 -4.90 -11.08
CA LEU D 394 -37.39 -3.98 -10.52
C LEU D 394 -37.98 -2.70 -9.90
N PRO D 395 -38.86 -1.98 -10.63
CA PRO D 395 -39.28 -0.71 -10.02
C PRO D 395 -40.22 -0.91 -8.83
N ALA D 396 -40.96 -2.03 -8.81
CA ALA D 396 -41.90 -2.33 -7.71
C ALA D 396 -41.21 -2.85 -6.46
N LEU D 397 -40.18 -3.68 -6.63
CA LEU D 397 -39.35 -4.09 -5.50
C LEU D 397 -38.86 -2.88 -4.72
N ASP D 398 -38.79 -1.73 -5.41
CA ASP D 398 -38.58 -0.42 -4.80
C ASP D 398 -37.34 -0.37 -3.91
N ILE D 399 -36.18 -0.67 -4.50
CA ILE D 399 -34.91 -0.71 -3.79
C ILE D 399 -34.30 0.69 -3.74
N THR D 400 -33.98 1.17 -2.53
CA THR D 400 -33.27 2.45 -2.39
C THR D 400 -31.76 2.25 -2.29
N PHE D 401 -31.03 3.19 -2.89
CA PHE D 401 -29.58 3.13 -2.97
C PHE D 401 -29.02 4.36 -2.29
N VAL D 402 -27.85 4.24 -1.68
CA VAL D 402 -27.17 5.38 -1.07
C VAL D 402 -26.42 6.16 -2.16
N ASP D 403 -25.46 5.49 -2.80
CA ASP D 403 -24.66 6.11 -3.84
C ASP D 403 -25.56 6.62 -4.97
N LYS D 404 -25.43 7.91 -5.29
CA LYS D 404 -26.34 8.57 -6.23
C LYS D 404 -26.06 8.21 -7.70
N ARG D 405 -25.05 7.40 -7.94
CA ARG D 405 -24.75 6.88 -9.28
C ARG D 405 -25.71 5.75 -9.67
N ILE D 406 -26.19 5.00 -8.67
CA ILE D 406 -26.89 3.73 -8.93
C ILE D 406 -28.25 3.86 -9.60
N GLU D 407 -29.01 4.89 -9.25
CA GLU D 407 -30.30 5.12 -9.92
C GLU D 407 -30.07 5.37 -11.42
N LYS D 408 -29.10 6.23 -11.73
CA LYS D 408 -28.75 6.53 -13.12
C LYS D 408 -28.28 5.28 -13.86
N LEU D 409 -27.44 4.47 -13.21
CA LEU D 409 -26.95 3.23 -13.79
C LEU D 409 -28.11 2.31 -14.02
N LEU D 410 -29.01 2.28 -13.04
CA LEU D 410 -30.19 1.43 -13.10
C LEU D 410 -31.08 1.70 -14.30
N PHE D 411 -31.36 2.97 -14.57
CA PHE D 411 -32.27 3.31 -15.64
C PHE D 411 -31.68 2.87 -16.97
N ASN D 412 -30.38 3.12 -17.16
CA ASN D 412 -29.68 2.72 -18.37
C ASN D 412 -29.71 1.22 -18.55
N TYR D 413 -29.58 0.53 -17.42
CA TYR D 413 -29.45 -0.90 -17.41
C TYR D 413 -30.77 -1.44 -17.95
N ARG D 414 -31.86 -0.86 -17.47
CA ARG D 414 -33.23 -1.19 -17.86
C ARG D 414 -33.56 -0.77 -19.29
N ALA D 415 -33.38 0.51 -19.57
CA ALA D 415 -33.60 1.04 -20.90
C ALA D 415 -32.83 0.25 -21.97
N ARG D 416 -31.54 0.02 -21.76
CA ARG D 416 -30.63 -0.62 -22.76
C ARG D 416 -30.81 -2.14 -22.91
N ASN D 417 -30.99 -2.82 -21.79
CA ASN D 417 -31.08 -4.28 -21.78
C ASN D 417 -32.52 -4.79 -21.81
N PHE D 418 -33.41 -4.06 -21.12
CA PHE D 418 -34.80 -4.52 -20.97
C PHE D 418 -35.84 -3.42 -21.31
N PRO D 419 -35.84 -2.93 -22.58
CA PRO D 419 -36.70 -1.79 -22.96
C PRO D 419 -38.19 -2.07 -22.86
N GLY D 420 -38.61 -3.31 -23.14
CA GLY D 420 -40.03 -3.68 -23.05
C GLY D 420 -40.54 -3.71 -21.62
N THR D 421 -39.75 -3.11 -20.72
CA THR D 421 -39.98 -3.10 -19.29
C THR D 421 -40.27 -1.64 -18.86
N LEU D 422 -40.10 -0.70 -19.80
CA LEU D 422 -40.25 0.73 -19.50
C LEU D 422 -41.70 1.14 -19.68
N ASP D 423 -42.25 1.92 -18.75
CA ASP D 423 -43.59 2.47 -18.88
C ASP D 423 -43.53 3.68 -19.80
N TYR D 424 -44.67 4.31 -20.07
CA TYR D 424 -44.72 5.39 -21.07
C TYR D 424 -43.77 6.55 -20.80
N ALA D 425 -43.80 7.11 -19.58
CA ALA D 425 -42.97 8.27 -19.26
C ALA D 425 -41.49 7.94 -19.49
N GLU D 426 -41.11 6.72 -19.09
CA GLU D 426 -39.75 6.25 -19.27
C GLU D 426 -39.39 6.05 -20.74
N GLN D 427 -40.32 5.46 -21.50
CA GLN D 427 -40.13 5.31 -22.94
C GLN D 427 -39.83 6.65 -23.58
N GLN D 428 -40.57 7.67 -23.14
CA GLN D 428 -40.42 9.03 -23.65
C GLN D 428 -39.13 9.68 -23.19
N ARG D 429 -38.74 9.44 -21.94
CA ARG D 429 -37.49 9.96 -21.40
C ARG D 429 -36.31 9.43 -22.20
N TRP D 430 -36.33 8.12 -22.45
CA TRP D 430 -35.24 7.44 -23.12
C TRP D 430 -35.16 7.80 -24.60
N LEU D 431 -36.31 7.98 -25.25
CA LEU D 431 -36.32 8.43 -26.63
C LEU D 431 -35.77 9.86 -26.76
N GLU D 432 -36.16 10.72 -25.83
CA GLU D 432 -35.64 12.08 -25.79
C GLU D 432 -34.10 12.05 -25.67
N HIS D 433 -33.59 11.35 -24.65
CA HIS D 433 -32.16 11.16 -24.47
C HIS D 433 -31.45 10.72 -25.76
N ARG D 434 -32.03 9.72 -26.42
CA ARG D 434 -31.45 9.21 -27.66
C ARG D 434 -31.49 10.22 -28.80
N ARG D 435 -32.64 10.90 -28.98
CA ARG D 435 -32.73 12.02 -29.93
C ARG D 435 -31.69 13.12 -29.63
N GLN D 436 -31.45 13.37 -28.35
CA GLN D 436 -30.41 14.31 -27.89
C GLN D 436 -28.95 13.86 -28.10
N VAL D 437 -28.72 12.56 -28.12
CA VAL D 437 -27.39 12.06 -28.51
C VAL D 437 -27.24 12.13 -30.04
N PHE D 438 -28.15 11.49 -30.77
CA PHE D 438 -28.10 11.52 -32.23
C PHE D 438 -28.97 12.65 -32.75
N THR D 439 -28.36 13.83 -32.77
CA THR D 439 -28.95 15.01 -33.35
C THR D 439 -28.65 15.00 -34.85
N PRO D 440 -29.41 15.80 -35.62
CA PRO D 440 -29.08 15.90 -37.04
C PRO D 440 -27.61 16.30 -37.25
N GLU D 441 -27.08 17.18 -36.42
CA GLU D 441 -25.68 17.61 -36.57
C GLU D 441 -24.67 16.54 -36.16
N PHE D 442 -24.98 15.82 -35.08
CA PHE D 442 -24.21 14.65 -34.73
C PHE D 442 -24.18 13.70 -35.91
N LEU D 443 -25.35 13.39 -36.44
CA LEU D 443 -25.47 12.43 -37.52
C LEU D 443 -24.81 12.87 -38.82
N GLN D 444 -24.89 14.16 -39.15
CA GLN D 444 -24.14 14.69 -40.30
C GLN D 444 -22.65 14.54 -40.12
N GLY D 445 -22.14 14.97 -38.96
CA GLY D 445 -20.75 14.78 -38.57
C GLY D 445 -20.33 13.34 -38.81
N TYR D 446 -21.18 12.43 -38.34
CA TYR D 446 -20.98 10.98 -38.50
C TYR D 446 -21.05 10.59 -39.97
N ALA D 447 -22.08 11.09 -40.68
CA ALA D 447 -22.23 10.80 -42.11
C ALA D 447 -20.99 11.22 -42.94
N ASP D 448 -20.48 12.44 -42.70
CA ASP D 448 -19.33 12.96 -43.43
C ASP D 448 -18.02 12.28 -43.09
N GLU D 449 -17.96 11.64 -41.91
CA GLU D 449 -16.79 10.84 -41.55
C GLU D 449 -16.72 9.58 -42.41
N LEU D 450 -17.84 8.88 -42.47
CA LEU D 450 -17.96 7.70 -43.31
C LEU D 450 -17.65 8.03 -44.77
N GLN D 451 -18.29 9.10 -45.25
CA GLN D 451 -18.03 9.64 -46.59
C GLN D 451 -16.53 9.70 -46.85
N MET D 452 -15.82 10.37 -45.95
CA MET D 452 -14.37 10.49 -46.03
C MET D 452 -13.66 9.12 -46.02
N LEU D 453 -14.14 8.20 -45.19
CA LEU D 453 -13.50 6.89 -45.09
C LEU D 453 -13.69 6.05 -46.34
N VAL D 454 -14.89 6.08 -46.92
CA VAL D 454 -15.20 5.43 -48.18
C VAL D 454 -14.34 5.95 -49.34
N GLN D 455 -14.06 7.26 -49.33
CA GLN D 455 -13.15 7.87 -50.31
C GLN D 455 -11.75 7.33 -50.17
N GLN D 456 -11.28 7.24 -48.92
CA GLN D 456 -9.94 6.78 -48.61
C GLN D 456 -9.72 5.32 -49.02
N TYR D 457 -10.76 4.51 -48.85
CA TYR D 457 -10.69 3.04 -49.05
C TYR D 457 -11.45 2.56 -50.28
N ALA D 458 -11.73 3.47 -51.21
CA ALA D 458 -12.63 3.23 -52.35
C ALA D 458 -12.46 1.93 -53.15
N ASP D 459 -11.21 1.50 -53.34
CA ASP D 459 -10.92 0.30 -54.13
C ASP D 459 -10.93 -1.00 -53.31
N ASP D 460 -11.13 -0.88 -52.00
CA ASP D 460 -11.14 -2.02 -51.10
C ASP D 460 -12.58 -2.40 -50.79
N LYS D 461 -13.05 -3.48 -51.42
CA LYS D 461 -14.47 -3.81 -51.46
C LYS D 461 -15.07 -4.16 -50.10
N GLU D 462 -14.31 -4.91 -49.29
CA GLU D 462 -14.75 -5.33 -47.97
C GLU D 462 -14.95 -4.13 -47.03
N LYS D 463 -14.00 -3.18 -47.07
CA LYS D 463 -14.05 -1.99 -46.24
C LYS D 463 -15.22 -1.07 -46.56
N VAL D 464 -15.41 -0.79 -47.85
CA VAL D 464 -16.57 -0.01 -48.30
C VAL D 464 -17.87 -0.71 -47.89
N ALA D 465 -17.90 -2.04 -47.98
CA ALA D 465 -19.08 -2.82 -47.54
C ALA D 465 -19.38 -2.61 -46.04
N LEU D 466 -18.33 -2.49 -45.24
CA LEU D 466 -18.45 -2.20 -43.82
C LEU D 466 -18.96 -0.79 -43.57
N LEU D 467 -18.51 0.16 -44.39
CA LEU D 467 -18.84 1.57 -44.17
C LEU D 467 -20.25 1.92 -44.53
N LYS D 468 -20.78 1.21 -45.55
CA LYS D 468 -22.18 1.30 -45.94
C LYS D 468 -23.10 0.74 -44.86
N ALA D 469 -22.68 -0.37 -44.25
CA ALA D 469 -23.42 -0.98 -43.12
C ALA D 469 -23.57 0.03 -41.98
N LEU D 470 -22.49 0.76 -41.68
CA LEU D 470 -22.52 1.73 -40.58
C LEU D 470 -23.47 2.88 -40.91
N TRP D 471 -23.37 3.37 -42.14
CA TRP D 471 -24.27 4.39 -42.66
C TRP D 471 -25.72 3.96 -42.51
N GLN D 472 -26.00 2.77 -43.00
CA GLN D 472 -27.32 2.13 -42.91
C GLN D 472 -27.85 2.06 -41.47
N TYR D 473 -26.99 1.65 -40.53
CA TYR D 473 -27.33 1.55 -39.12
C TYR D 473 -27.58 2.93 -38.49
N ALA D 474 -26.66 3.85 -38.75
CA ALA D 474 -26.75 5.23 -38.28
C ALA D 474 -28.06 5.86 -38.77
N GLU D 475 -28.33 5.68 -40.05
CA GLU D 475 -29.57 6.15 -40.66
C GLU D 475 -30.82 5.67 -39.92
N GLU D 476 -30.72 4.47 -39.32
CA GLU D 476 -31.86 3.79 -38.69
C GLU D 476 -31.99 3.96 -37.17
N ILE D 477 -31.00 4.61 -36.54
CA ILE D 477 -30.91 4.65 -35.08
C ILE D 477 -32.00 5.45 -34.34
N VAL D 478 -32.39 6.59 -34.90
CA VAL D 478 -33.52 7.40 -34.36
C VAL D 478 -34.46 7.88 -35.48
MG MG E . 3.99 -1.46 29.67
S SO4 F . -1.21 -1.49 0.23
O1 SO4 F . 0.17 -1.62 -0.32
O2 SO4 F . -1.09 -1.04 1.63
O3 SO4 F . -1.88 -2.79 0.16
O4 SO4 F . -1.97 -0.53 -0.61
S SO4 G . 1.30 9.68 16.26
O1 SO4 G . 1.85 8.44 16.85
O2 SO4 G . 2.16 10.83 16.65
O3 SO4 G . -0.08 9.89 16.76
O4 SO4 G . 1.33 9.59 14.79
S SO4 H . 27.52 -20.96 27.03
O1 SO4 H . 28.11 -19.63 26.95
O2 SO4 H . 28.44 -21.83 27.82
O3 SO4 H . 27.33 -21.54 25.68
O4 SO4 H . 26.21 -20.87 27.73
S SO4 I . -23.41 5.50 18.98
O1 SO4 I . -24.00 6.83 19.22
O2 SO4 I . -22.10 5.42 19.66
O3 SO4 I . -23.22 5.30 17.52
O4 SO4 I . -24.30 4.45 19.52
S SO4 J . -1.02 -19.78 26.01
O1 SO4 J . -0.37 -18.91 27.01
O2 SO4 J . -0.70 -21.19 26.34
O3 SO4 J . -0.54 -19.46 24.65
O4 SO4 J . -2.49 -19.59 26.11
C1 GOL K . 38.46 7.52 23.59
O1 GOL K . 39.73 7.69 22.94
C2 GOL K . 38.65 7.30 25.09
O2 GOL K . 38.41 8.53 25.75
C3 GOL K . 37.67 6.24 25.56
O3 GOL K . 37.59 6.24 27.00
C1 GOL L . 31.72 -1.05 20.71
O1 GOL L . 31.67 -2.35 20.08
C2 GOL L . 30.41 -0.28 20.53
O2 GOL L . 29.26 -1.12 20.51
C3 GOL L . 30.27 0.74 21.64
O3 GOL L . 29.65 1.89 21.06
S SO4 M . 18.85 -16.14 -13.34
O1 SO4 M . 19.97 -16.78 -14.08
O2 SO4 M . 19.30 -15.75 -11.98
O3 SO4 M . 17.69 -17.06 -13.23
O4 SO4 M . 18.45 -14.91 -14.07
S SO4 N . 9.95 -15.38 -5.81
O1 SO4 N . 10.26 -14.23 -4.92
O2 SO4 N . 10.92 -16.47 -5.61
O3 SO4 N . 10.03 -14.91 -7.21
O4 SO4 N . 8.58 -15.85 -5.52
S SO4 O . -13.13 6.28 -21.52
O1 SO4 O . -11.92 6.29 -22.37
O2 SO4 O . -12.79 5.71 -20.19
O3 SO4 O . -14.18 5.43 -22.11
O4 SO4 O . -13.67 7.65 -21.38
S SO4 P . -37.38 -6.74 -23.12
O1 SO4 P . -35.98 -7.01 -22.76
O2 SO4 P . -38.19 -6.51 -21.90
O3 SO4 P . -37.95 -7.89 -23.85
O4 SO4 P . -37.41 -5.56 -24.01
S SO4 Q . 4.93 -3.81 -33.64
O1 SO4 Q . 5.72 -2.66 -34.16
O2 SO4 Q . 5.63 -4.41 -32.48
O3 SO4 Q . 4.78 -4.83 -34.72
O4 SO4 Q . 3.59 -3.36 -33.23
S SO4 R . 22.77 0.66 -4.41
O1 SO4 R . 24.22 0.37 -4.44
O2 SO4 R . 22.37 1.08 -3.05
O3 SO4 R . 22.02 -0.57 -4.77
O4 SO4 R . 22.46 1.73 -5.37
S SO4 S . -19.14 0.24 3.50
O1 SO4 S . -18.97 1.70 3.33
O2 SO4 S . -18.46 -0.21 4.74
O3 SO4 S . -18.55 -0.46 2.33
O4 SO4 S . -20.58 -0.07 3.60
S SO4 T . 10.21 -27.00 -29.22
O1 SO4 T . 11.64 -27.15 -28.92
O2 SO4 T . 9.58 -26.06 -28.25
O3 SO4 T . 10.05 -26.46 -30.59
O4 SO4 T . 9.54 -28.32 -29.14
S SO4 U . -19.43 -12.29 -4.02
O1 SO4 U . -17.99 -12.00 -4.14
O2 SO4 U . -19.70 -13.02 -2.76
O3 SO4 U . -20.18 -11.01 -4.05
O4 SO4 U . -19.88 -13.12 -5.17
C1 IPA V . -19.46 12.27 -35.41
C2 IPA V . -18.61 13.30 -34.69
C3 IPA V . -18.15 14.44 -35.60
O2 IPA V . -19.34 13.82 -33.58
#